data_5UQX
#
_entry.id   5UQX
#
_cell.length_a   76.355
_cell.length_b   67.533
_cell.length_c   76.861
_cell.angle_alpha   90.000
_cell.angle_beta   96.990
_cell.angle_gamma   90.000
#
_symmetry.space_group_name_H-M   'P 1 21 1'
#
loop_
_entity.id
_entity.type
_entity.pdbx_description
1 polymer 'Ubiquitin carboxyl-terminal hydrolase 7'
2 non-polymer "6'-amino-4'-ethyl-5'-(4-hydroxyphenyl)-N-methyl[3,3'-bipyridine]-6-carboxamide"
3 water water
#
_entity_poly.entity_id   1
_entity_poly.type   'polypeptide(L)'
_entity_poly.pdbx_seq_one_letter_code
;MGSSHHHHHHSSGLVPRGSHMKKHTGYVGLKNQGATCYMNSLLQTLFFTNQLRKAVYMMPTEGDDSSKSVPLALQRVFYE
LQHSDKPVGTKKLTKSFGWETLDSFMQHDVQELCRVLLDNVENKMKGTCVEGTIPKLFRGKMVSYIQCKEVDYRSDRRED
YYDIQLSIKGKKNIFESFVDYVAVEQLDGDNKYDAGEHGLQEAEKGVKFLTLPPVLHLQLMRFMYDPQTDQNIKINDRFE
FPEQLPLDEFLQKTDPKDPANYILHAVLVHSGDNHGGHYVVYLNPKGDGKWCKFDDDVVSRCTKEEAIEHNYGGHDDDLS
VRHCTNAYMLVYIRESKLSEVLQAVTDHDIPQQLVERLQEEKRIEAQKR
;
_entity_poly.pdbx_strand_id   A,B
#
# COMPACT_ATOMS: atom_id res chain seq x y z
N LYS A 23 22.89 8.08 -10.17
CA LYS A 23 22.61 6.86 -10.93
C LYS A 23 23.88 6.13 -11.41
N HIS A 24 24.23 5.05 -10.69
CA HIS A 24 25.39 4.23 -11.01
C HIS A 24 25.06 2.97 -11.79
N THR A 25 23.78 2.61 -11.91
CA THR A 25 23.37 1.38 -12.57
C THR A 25 23.03 1.59 -14.04
N GLY A 26 22.57 2.79 -14.40
CA GLY A 26 22.12 3.09 -15.75
C GLY A 26 20.66 2.83 -16.02
N TYR A 27 19.88 2.46 -15.01
CA TYR A 27 18.48 2.12 -15.15
C TYR A 27 17.65 3.06 -14.27
N VAL A 28 16.38 3.24 -14.63
CA VAL A 28 15.53 4.15 -13.91
C VAL A 28 14.41 3.34 -13.26
N GLY A 29 13.85 3.89 -12.17
CA GLY A 29 12.81 3.26 -11.41
C GLY A 29 11.41 3.68 -11.83
N LEU A 30 10.42 3.21 -11.07
CA LEU A 30 9.01 3.49 -11.32
C LEU A 30 8.38 4.09 -10.07
N LYS A 31 7.59 5.16 -10.22
CA LYS A 31 7.01 5.81 -9.07
C LYS A 31 6.05 4.90 -8.31
N ASN A 32 5.94 5.15 -7.02
CA ASN A 32 4.89 4.55 -6.20
C ASN A 32 3.64 5.43 -6.26
N GLN A 33 2.54 4.89 -6.77
CA GLN A 33 1.38 5.74 -7.01
C GLN A 33 0.12 5.14 -6.38
N GLY A 34 0.28 4.26 -5.41
CA GLY A 34 -0.79 3.59 -4.70
C GLY A 34 -0.42 2.16 -4.48
N ALA A 35 -1.39 1.37 -3.99
CA ALA A 35 -1.12 -0.04 -3.73
C ALA A 35 -1.24 -0.82 -5.04
N THR A 36 -0.23 -0.63 -5.90
CA THR A 36 -0.15 -1.41 -7.13
C THR A 36 0.62 -2.72 -6.93
N CYS A 37 1.11 -2.98 -5.72
CA CYS A 37 1.66 -4.28 -5.38
C CYS A 37 2.75 -4.71 -6.35
N TYR A 38 2.55 -5.86 -7.00
CA TYR A 38 3.46 -6.51 -7.94
C TYR A 38 3.62 -5.78 -9.28
N MET A 39 2.84 -4.72 -9.53
CA MET A 39 2.81 -4.12 -10.88
C MET A 39 4.18 -3.60 -11.32
N ASN A 40 4.82 -2.76 -10.49
CA ASN A 40 6.10 -2.18 -10.91
C ASN A 40 7.18 -3.24 -11.06
N SER A 41 7.11 -4.31 -10.25
CA SER A 41 8.04 -5.41 -10.43
C SER A 41 7.84 -6.08 -11.78
N LEU A 42 6.58 -6.26 -12.19
CA LEU A 42 6.28 -6.88 -13.48
C LEU A 42 6.76 -5.99 -14.61
N LEU A 43 6.40 -4.71 -14.55
CA LEU A 43 6.77 -3.75 -15.57
C LEU A 43 8.28 -3.78 -15.84
N GLN A 44 9.11 -3.81 -14.77
CA GLN A 44 10.56 -3.90 -14.98
C GLN A 44 10.96 -5.22 -15.63
N THR A 45 10.33 -6.30 -15.18
CA THR A 45 10.69 -7.62 -15.68
C THR A 45 10.41 -7.74 -17.17
N LEU A 46 9.27 -7.22 -17.63
CA LEU A 46 8.94 -7.21 -19.06
C LEU A 46 9.76 -6.20 -19.84
N PHE A 47 10.05 -5.03 -19.25
CA PHE A 47 10.91 -4.06 -19.93
C PHE A 47 12.24 -4.69 -20.33
N PHE A 48 12.84 -5.49 -19.43
CA PHE A 48 14.14 -6.08 -19.67
C PHE A 48 14.05 -7.40 -20.44
N THR A 49 12.84 -7.85 -20.82
CA THR A 49 12.65 -8.90 -21.82
C THR A 49 12.78 -8.22 -23.19
N ASN A 50 14.04 -8.01 -23.59
CA ASN A 50 14.36 -7.07 -24.66
C ASN A 50 13.64 -7.41 -25.97
N GLN A 51 13.48 -8.69 -26.27
CA GLN A 51 12.84 -9.04 -27.55
C GLN A 51 11.35 -8.72 -27.52
N LEU A 52 10.76 -8.83 -26.34
CA LEU A 52 9.40 -8.35 -26.11
C LEU A 52 9.29 -6.84 -26.22
N ARG A 53 10.22 -6.10 -25.59
CA ARG A 53 10.20 -4.63 -25.65
C ARG A 53 10.25 -4.13 -27.09
N LYS A 54 11.08 -4.76 -27.93
CA LYS A 54 11.18 -4.33 -29.32
C LYS A 54 9.91 -4.60 -30.07
N ALA A 55 9.28 -5.76 -29.85
CA ALA A 55 8.01 -6.01 -30.49
C ALA A 55 6.97 -5.03 -30.01
N VAL A 56 6.99 -4.71 -28.71
CA VAL A 56 6.00 -3.79 -28.17
C VAL A 56 6.10 -2.44 -28.87
N TYR A 57 7.32 -1.98 -29.14
CA TYR A 57 7.52 -0.72 -29.85
C TYR A 57 6.96 -0.74 -31.26
N MET A 58 6.79 -1.92 -31.84
CA MET A 58 6.32 -2.06 -33.20
C MET A 58 4.79 -2.14 -33.32
N MET A 59 4.06 -2.19 -32.20
CA MET A 59 2.60 -2.23 -32.28
C MET A 59 2.08 -0.98 -32.99
N PRO A 60 1.12 -1.13 -33.93
CA PRO A 60 0.60 0.02 -34.67
C PRO A 60 -0.40 0.82 -33.85
N THR A 61 0.09 1.70 -32.99
CA THR A 61 -0.78 2.42 -32.07
C THR A 61 -1.10 3.83 -32.52
N GLU A 62 -0.71 4.22 -33.75
CA GLU A 62 -0.86 5.63 -34.13
C GLU A 62 -2.30 6.11 -34.01
N GLY A 63 -3.27 5.28 -34.38
CA GLY A 63 -4.66 5.65 -34.30
C GLY A 63 -5.33 5.39 -32.96
N ASP A 64 -4.58 4.93 -31.95
CA ASP A 64 -5.18 4.52 -30.69
C ASP A 64 -5.65 5.72 -29.89
N ASP A 65 -6.75 5.51 -29.17
CA ASP A 65 -7.19 6.46 -28.17
C ASP A 65 -6.21 6.50 -27.01
N SER A 66 -5.52 7.63 -26.87
CA SER A 66 -4.44 7.86 -25.92
C SER A 66 -4.83 7.60 -24.47
N SER A 67 -6.13 7.42 -24.17
CA SER A 67 -6.65 7.21 -22.82
C SER A 67 -7.29 5.85 -22.60
N LYS A 68 -7.41 5.02 -23.63
CA LYS A 68 -8.00 3.70 -23.47
C LYS A 68 -7.08 2.59 -23.94
N SER A 69 -5.92 2.92 -24.49
CA SER A 69 -5.08 1.92 -25.13
C SER A 69 -4.08 1.40 -24.09
N VAL A 70 -4.29 0.14 -23.67
CA VAL A 70 -3.26 -0.55 -22.89
C VAL A 70 -1.99 -0.72 -23.72
N PRO A 71 -2.05 -1.07 -25.01
CA PRO A 71 -0.79 -1.22 -25.78
C PRO A 71 0.03 0.06 -25.84
N LEU A 72 -0.62 1.20 -26.05
CA LEU A 72 0.07 2.48 -26.06
C LEU A 72 0.64 2.82 -24.68
N ALA A 73 -0.14 2.59 -23.63
CA ALA A 73 0.36 2.91 -22.30
C ALA A 73 1.59 2.07 -21.96
N LEU A 74 1.61 0.83 -22.43
CA LEU A 74 2.80 -0.01 -22.21
C LEU A 74 3.99 0.48 -23.04
N GLN A 75 3.76 0.84 -24.30
CA GLN A 75 4.80 1.49 -25.10
C GLN A 75 5.37 2.72 -24.39
N ARG A 76 4.48 3.54 -23.82
CA ARG A 76 4.90 4.78 -23.17
C ARG A 76 5.75 4.50 -21.93
N VAL A 77 5.33 3.55 -21.09
CA VAL A 77 6.15 3.17 -19.94
C VAL A 77 7.51 2.65 -20.38
N PHE A 78 7.53 1.78 -21.40
CA PHE A 78 8.83 1.29 -21.87
C PHE A 78 9.69 2.42 -22.40
N TYR A 79 9.11 3.32 -23.20
CA TYR A 79 9.91 4.40 -23.76
C TYR A 79 10.54 5.23 -22.66
N GLU A 80 9.77 5.56 -21.63
CA GLU A 80 10.31 6.34 -20.52
C GLU A 80 11.33 5.55 -19.71
N LEU A 81 11.05 4.27 -19.46
CA LEU A 81 12.05 3.45 -18.81
C LEU A 81 13.35 3.46 -19.57
N GLN A 82 13.30 3.51 -20.90
CA GLN A 82 14.50 3.47 -21.71
C GLN A 82 15.20 4.83 -21.79
N HIS A 83 14.48 5.93 -21.58
CA HIS A 83 15.04 7.26 -21.77
C HIS A 83 15.03 8.16 -20.54
N SER A 84 14.13 7.98 -19.59
CA SER A 84 13.96 8.99 -18.56
C SER A 84 15.05 8.86 -17.50
N ASP A 85 15.43 10.01 -16.93
CA ASP A 85 16.31 10.02 -15.76
C ASP A 85 15.55 10.07 -14.45
N LYS A 86 14.24 10.25 -14.48
CA LYS A 86 13.41 10.35 -13.30
C LYS A 86 12.47 9.16 -13.23
N PRO A 87 12.03 8.78 -12.03
CA PRO A 87 11.08 7.67 -11.91
C PRO A 87 9.88 7.85 -12.84
N VAL A 88 9.45 6.74 -13.44
CA VAL A 88 8.44 6.73 -14.49
C VAL A 88 7.07 6.51 -13.85
N GLY A 89 6.11 7.33 -14.24
CA GLY A 89 4.74 7.16 -13.79
C GLY A 89 3.93 6.19 -14.63
N THR A 90 2.79 5.76 -14.09
CA THR A 90 2.02 4.65 -14.64
C THR A 90 0.53 4.94 -14.66
N LYS A 91 0.11 6.14 -14.31
CA LYS A 91 -1.31 6.41 -14.18
C LYS A 91 -2.05 6.16 -15.48
N LYS A 92 -1.41 6.45 -16.61
CA LYS A 92 -2.09 6.15 -17.87
C LYS A 92 -2.26 4.65 -18.05
N LEU A 93 -1.32 3.84 -17.53
CA LEU A 93 -1.42 2.40 -17.67
C LEU A 93 -2.56 1.85 -16.83
N THR A 94 -2.55 2.15 -15.51
CA THR A 94 -3.63 1.67 -14.65
C THR A 94 -4.98 2.17 -15.12
N LYS A 95 -5.05 3.41 -15.60
CA LYS A 95 -6.30 3.85 -16.21
C LYS A 95 -6.69 2.97 -17.40
N SER A 96 -5.73 2.63 -18.28
CA SER A 96 -6.08 1.95 -19.52
C SER A 96 -6.62 0.54 -19.28
N PHE A 97 -6.11 -0.22 -18.31
CA PHE A 97 -6.73 -1.53 -18.14
C PHE A 97 -7.70 -1.57 -16.96
N GLY A 98 -8.01 -0.42 -16.38
CA GLY A 98 -9.21 -0.29 -15.57
C GLY A 98 -9.06 -0.76 -14.14
N TRP A 99 -7.84 -0.79 -13.62
CA TRP A 99 -7.60 -1.17 -12.21
C TRP A 99 -7.27 0.10 -11.43
N GLU A 100 -8.31 0.81 -11.00
CA GLU A 100 -8.14 2.14 -10.46
C GLU A 100 -8.66 2.32 -9.04
N THR A 101 -9.31 1.32 -8.43
CA THR A 101 -9.80 1.50 -7.07
C THR A 101 -8.71 1.18 -6.04
N LEU A 102 -8.97 1.62 -4.80
CA LEU A 102 -8.02 1.44 -3.70
C LEU A 102 -7.40 0.06 -3.66
N ASP A 103 -8.23 -1.00 -3.77
CA ASP A 103 -7.68 -2.34 -3.62
C ASP A 103 -7.73 -3.16 -4.92
N SER A 104 -7.78 -2.51 -6.08
CA SER A 104 -7.91 -3.29 -7.32
C SER A 104 -6.77 -4.29 -7.50
N PHE A 105 -5.53 -3.88 -7.22
CA PHE A 105 -4.42 -4.80 -7.41
C PHE A 105 -4.33 -5.83 -6.28
N MET A 106 -4.78 -5.47 -5.08
CA MET A 106 -4.84 -6.44 -4.00
C MET A 106 -5.85 -7.56 -4.28
N GLN A 107 -6.85 -7.31 -5.10
CA GLN A 107 -7.83 -8.34 -5.42
C GLN A 107 -7.39 -9.22 -6.59
N HIS A 108 -6.19 -9.00 -7.13
CA HIS A 108 -5.69 -9.86 -8.17
C HIS A 108 -4.30 -10.37 -7.80
N ASP A 109 -3.56 -10.85 -8.78
CA ASP A 109 -2.22 -11.33 -8.56
C ASP A 109 -1.41 -11.07 -9.82
N VAL A 110 -0.10 -11.29 -9.71
CA VAL A 110 0.82 -10.94 -10.76
C VAL A 110 0.55 -11.74 -12.02
N GLN A 111 0.01 -12.94 -11.87
CA GLN A 111 -0.25 -13.78 -13.05
C GLN A 111 -1.39 -13.24 -13.90
N GLU A 112 -2.48 -12.81 -13.24
CA GLU A 112 -3.58 -12.19 -14.00
C GLU A 112 -3.15 -10.87 -14.63
N LEU A 113 -2.42 -10.03 -13.90
CA LEU A 113 -1.91 -8.80 -14.49
C LEU A 113 -1.14 -9.10 -15.78
N CYS A 114 -0.13 -9.99 -15.67
CA CYS A 114 0.72 -10.32 -16.80
C CYS A 114 -0.06 -10.96 -17.93
N ARG A 115 -0.96 -11.88 -17.60
CA ARG A 115 -1.80 -12.46 -18.65
C ARG A 115 -2.56 -11.37 -19.39
N VAL A 116 -3.14 -10.40 -18.66
CA VAL A 116 -3.97 -9.35 -19.25
C VAL A 116 -3.14 -8.45 -20.12
N LEU A 117 -2.03 -7.95 -19.56
CA LEU A 117 -1.08 -7.13 -20.28
C LEU A 117 -0.64 -7.79 -21.58
N LEU A 118 -0.17 -9.03 -21.49
CA LEU A 118 0.43 -9.64 -22.66
C LEU A 118 -0.62 -10.10 -23.65
N ASP A 119 -1.82 -10.44 -23.18
CA ASP A 119 -2.89 -10.72 -24.12
C ASP A 119 -3.30 -9.46 -24.89
N ASN A 120 -3.27 -8.32 -24.21
CA ASN A 120 -3.55 -7.02 -24.83
C ASN A 120 -2.52 -6.66 -25.88
N VAL A 121 -1.22 -6.83 -25.57
CA VAL A 121 -0.18 -6.50 -26.54
C VAL A 121 -0.17 -7.50 -27.69
N GLU A 122 -0.40 -8.80 -27.41
CA GLU A 122 -0.41 -9.75 -28.51
C GLU A 122 -1.59 -9.50 -29.44
N ASN A 123 -2.73 -9.13 -28.87
CA ASN A 123 -3.87 -8.80 -29.69
C ASN A 123 -3.56 -7.63 -30.62
N LYS A 124 -2.91 -6.59 -30.08
CA LYS A 124 -2.55 -5.44 -30.90
C LYS A 124 -1.51 -5.80 -31.95
N MET A 125 -0.82 -6.92 -31.77
CA MET A 125 0.12 -7.42 -32.77
C MET A 125 -0.53 -8.21 -33.90
N LYS A 126 -1.81 -8.56 -33.83
CA LYS A 126 -2.35 -9.43 -34.87
C LYS A 126 -2.31 -8.70 -36.21
N GLY A 127 -1.98 -9.46 -37.27
CA GLY A 127 -1.86 -8.92 -38.60
C GLY A 127 -0.63 -8.08 -38.85
N THR A 128 0.34 -8.09 -37.94
CA THR A 128 1.52 -7.28 -38.12
C THR A 128 2.75 -8.19 -38.23
N CYS A 129 3.91 -7.58 -38.56
CA CYS A 129 5.12 -8.40 -38.71
C CYS A 129 5.49 -9.09 -37.41
N VAL A 130 4.94 -8.63 -36.29
CA VAL A 130 5.40 -9.10 -35.00
C VAL A 130 4.32 -9.94 -34.32
N GLU A 131 3.28 -10.31 -35.08
CA GLU A 131 2.27 -11.26 -34.63
C GLU A 131 2.92 -12.55 -34.18
N GLY A 132 2.43 -13.12 -33.08
CA GLY A 132 2.98 -14.36 -32.57
C GLY A 132 4.21 -14.19 -31.69
N THR A 133 4.57 -12.96 -31.33
CA THR A 133 5.69 -12.75 -30.41
C THR A 133 5.47 -13.41 -29.06
N ILE A 134 4.28 -13.24 -28.49
CA ILE A 134 4.01 -13.77 -27.15
C ILE A 134 4.13 -15.30 -27.10
N PRO A 135 3.48 -16.07 -27.97
CA PRO A 135 3.74 -17.53 -27.95
C PRO A 135 5.18 -17.90 -28.31
N LYS A 136 5.82 -17.12 -29.17
CA LYS A 136 7.23 -17.40 -29.46
C LYS A 136 8.08 -17.34 -28.18
N LEU A 137 7.87 -16.33 -27.35
CA LEU A 137 8.68 -16.16 -26.14
C LEU A 137 8.21 -17.02 -24.99
N PHE A 138 6.90 -17.20 -24.80
CA PHE A 138 6.38 -17.75 -23.55
C PHE A 138 5.72 -19.11 -23.66
N ARG A 139 5.43 -19.61 -24.86
CA ARG A 139 4.61 -20.80 -25.01
C ARG A 139 5.45 -22.07 -24.95
N GLY A 140 5.02 -23.01 -24.10
CA GLY A 140 5.61 -24.33 -24.06
C GLY A 140 4.51 -25.35 -24.31
N LYS A 141 4.92 -26.61 -24.53
CA LYS A 141 3.94 -27.68 -24.74
C LYS A 141 4.18 -28.80 -23.74
N MET A 142 3.09 -29.30 -23.14
CA MET A 142 3.06 -30.48 -22.30
C MET A 142 2.26 -31.56 -23.01
N VAL A 143 2.44 -32.82 -22.58
CA VAL A 143 1.45 -33.87 -22.85
C VAL A 143 0.73 -34.19 -21.55
N SER A 144 -0.58 -34.05 -21.57
CA SER A 144 -1.44 -34.48 -20.48
C SER A 144 -1.99 -35.85 -20.86
N TYR A 145 -1.70 -36.85 -20.04
CA TYR A 145 -2.06 -38.22 -20.36
C TYR A 145 -2.90 -38.81 -19.23
N ILE A 146 -3.80 -39.71 -19.61
CA ILE A 146 -4.60 -40.48 -18.68
C ILE A 146 -4.47 -41.95 -19.09
N GLN A 147 -3.96 -42.78 -18.19
CA GLN A 147 -3.68 -44.18 -18.48
C GLN A 147 -4.50 -45.07 -17.56
N CYS A 148 -5.30 -45.97 -18.14
CA CYS A 148 -6.12 -46.89 -17.37
C CYS A 148 -5.28 -48.04 -16.82
N LYS A 149 -5.57 -48.42 -15.57
CA LYS A 149 -4.81 -49.47 -14.89
C LYS A 149 -5.29 -50.87 -15.29
N GLU A 150 -6.60 -51.13 -15.20
CA GLU A 150 -7.15 -52.46 -15.39
C GLU A 150 -7.62 -52.72 -16.83
N VAL A 151 -7.43 -51.77 -17.74
CA VAL A 151 -7.87 -51.93 -19.11
C VAL A 151 -6.92 -51.14 -20.01
N ASP A 152 -6.99 -51.41 -21.31
CA ASP A 152 -6.07 -50.81 -22.27
C ASP A 152 -6.75 -49.63 -22.97
N TYR A 153 -6.67 -48.48 -22.34
CA TYR A 153 -6.98 -47.22 -23.00
C TYR A 153 -6.00 -46.21 -22.45
N ARG A 154 -5.45 -45.39 -23.34
CA ARG A 154 -4.63 -44.25 -22.95
C ARG A 154 -5.05 -43.06 -23.80
N SER A 155 -5.19 -41.90 -23.18
CA SER A 155 -5.46 -40.64 -23.87
C SER A 155 -4.25 -39.74 -23.70
N ASP A 156 -3.65 -39.32 -24.82
CA ASP A 156 -2.50 -38.41 -24.84
C ASP A 156 -2.91 -37.16 -25.60
N ARG A 157 -2.89 -36.02 -24.93
CA ARG A 157 -3.27 -34.76 -25.57
C ARG A 157 -2.19 -33.71 -25.33
N ARG A 158 -1.99 -32.85 -26.32
CA ARG A 158 -1.08 -31.74 -26.16
C ARG A 158 -1.78 -30.61 -25.41
N GLU A 159 -1.06 -30.00 -24.49
CA GLU A 159 -1.53 -28.90 -23.66
C GLU A 159 -0.51 -27.79 -23.74
N ASP A 160 -0.95 -26.59 -24.10
CA ASP A 160 -0.06 -25.44 -24.21
C ASP A 160 -0.02 -24.73 -22.86
N TYR A 161 1.14 -24.19 -22.51
CA TYR A 161 1.21 -23.38 -21.30
C TYR A 161 2.09 -22.18 -21.58
N TYR A 162 1.93 -21.14 -20.77
CA TYR A 162 2.71 -19.91 -20.90
C TYR A 162 3.41 -19.49 -19.62
N ASP A 163 3.13 -20.15 -18.51
CA ASP A 163 3.95 -20.11 -17.30
C ASP A 163 3.76 -21.45 -16.62
N ILE A 164 4.36 -21.60 -15.44
CA ILE A 164 4.23 -22.83 -14.65
C ILE A 164 4.00 -22.42 -13.20
N GLN A 165 2.89 -22.88 -12.61
CA GLN A 165 2.66 -22.70 -11.19
C GLN A 165 3.31 -23.84 -10.40
N LEU A 166 4.28 -23.50 -9.55
CA LEU A 166 4.99 -24.51 -8.77
C LEU A 166 4.48 -24.50 -7.34
N SER A 167 4.17 -25.68 -6.81
CA SER A 167 3.81 -25.78 -5.41
C SER A 167 5.06 -25.75 -4.55
N ILE A 168 4.99 -25.03 -3.44
CA ILE A 168 6.18 -24.83 -2.63
C ILE A 168 6.01 -25.34 -1.20
N LYS A 169 4.79 -25.58 -0.73
CA LYS A 169 4.55 -26.11 0.60
C LYS A 169 5.05 -27.54 0.71
N GLY A 170 6.03 -27.78 1.59
CA GLY A 170 6.66 -29.09 1.68
C GLY A 170 7.68 -29.37 0.60
N LYS A 171 7.99 -28.40 -0.26
CA LYS A 171 9.02 -28.53 -1.28
C LYS A 171 10.21 -27.70 -0.85
N LYS A 172 11.39 -28.31 -0.89
CA LYS A 172 12.57 -27.62 -0.38
C LYS A 172 13.27 -26.80 -1.45
N ASN A 173 13.11 -27.15 -2.73
CA ASN A 173 13.79 -26.50 -3.82
C ASN A 173 12.97 -26.67 -5.10
N ILE A 174 13.43 -26.02 -6.17
CA ILE A 174 12.70 -26.04 -7.44
C ILE A 174 12.64 -27.44 -8.01
N PHE A 175 13.70 -28.25 -7.81
CA PHE A 175 13.66 -29.62 -8.31
C PHE A 175 12.49 -30.39 -7.73
N GLU A 176 12.31 -30.32 -6.39
CA GLU A 176 11.16 -30.98 -5.76
C GLU A 176 9.82 -30.46 -6.29
N SER A 177 9.71 -29.15 -6.57
CA SER A 177 8.48 -28.61 -7.17
C SER A 177 8.23 -29.21 -8.54
N PHE A 178 9.26 -29.22 -9.41
CA PHE A 178 9.04 -29.82 -10.72
C PHE A 178 8.70 -31.31 -10.61
N VAL A 179 9.36 -32.03 -9.70
CA VAL A 179 9.04 -33.46 -9.49
C VAL A 179 7.58 -33.64 -9.11
N ASP A 180 7.10 -32.83 -8.15
CA ASP A 180 5.69 -32.91 -7.80
C ASP A 180 4.80 -32.58 -9.01
N TYR A 181 5.22 -31.63 -9.84
CA TYR A 181 4.37 -31.20 -10.96
C TYR A 181 4.12 -32.33 -11.94
N VAL A 182 5.11 -33.20 -12.15
CA VAL A 182 4.95 -34.31 -13.09
C VAL A 182 4.62 -35.62 -12.40
N ALA A 183 4.31 -35.58 -11.10
CA ALA A 183 3.94 -36.79 -10.37
C ALA A 183 2.61 -37.32 -10.88
N VAL A 184 2.46 -38.64 -10.79
CA VAL A 184 1.27 -39.34 -11.27
C VAL A 184 0.17 -39.22 -10.24
N GLU A 185 -1.02 -38.80 -10.67
CA GLU A 185 -2.20 -38.74 -9.83
C GLU A 185 -3.08 -39.95 -10.10
N GLN A 186 -3.57 -40.56 -9.04
CA GLN A 186 -4.45 -41.73 -9.13
C GLN A 186 -5.90 -41.31 -9.34
N LEU A 187 -6.62 -42.06 -10.17
CA LEU A 187 -8.06 -41.87 -10.37
C LEU A 187 -8.78 -43.15 -9.98
N ASP A 188 -9.43 -43.15 -8.81
CA ASP A 188 -10.20 -44.29 -8.33
C ASP A 188 -11.14 -43.84 -7.23
N GLY A 189 -12.05 -44.73 -6.85
CA GLY A 189 -13.02 -44.40 -5.81
C GLY A 189 -13.95 -43.28 -6.24
N ASP A 190 -14.12 -42.29 -5.36
CA ASP A 190 -14.99 -41.15 -5.63
C ASP A 190 -14.54 -40.31 -6.81
N ASN A 191 -13.31 -40.53 -7.33
CA ASN A 191 -12.76 -39.73 -8.43
C ASN A 191 -12.19 -40.68 -9.49
N LYS A 192 -13.07 -41.44 -10.13
CA LYS A 192 -12.69 -42.42 -11.13
C LYS A 192 -12.82 -41.83 -12.54
N TYR A 193 -12.17 -42.47 -13.51
CA TYR A 193 -12.02 -41.90 -14.86
C TYR A 193 -13.05 -42.43 -15.84
N ASP A 194 -13.69 -41.50 -16.57
CA ASP A 194 -14.65 -41.80 -17.63
C ASP A 194 -13.85 -42.28 -18.85
N ALA A 195 -13.69 -43.60 -18.97
CA ALA A 195 -13.05 -44.19 -20.14
C ALA A 195 -14.06 -44.57 -21.23
N GLY A 196 -15.22 -43.93 -21.23
CA GLY A 196 -16.18 -44.11 -22.30
C GLY A 196 -16.72 -45.53 -22.40
N GLU A 197 -16.34 -46.22 -23.46
CA GLU A 197 -16.83 -47.57 -23.71
C GLU A 197 -16.49 -48.53 -22.58
N HIS A 198 -15.28 -48.47 -22.02
CA HIS A 198 -15.02 -49.17 -20.76
C HIS A 198 -15.31 -48.22 -19.61
N GLY A 199 -16.59 -47.87 -19.47
CA GLY A 199 -17.11 -46.93 -18.50
C GLY A 199 -16.16 -46.35 -17.47
N LEU A 200 -16.36 -46.70 -16.22
CA LEU A 200 -15.51 -46.19 -15.16
C LEU A 200 -14.29 -47.10 -15.02
N GLN A 201 -13.10 -46.50 -15.03
CA GLN A 201 -11.87 -47.26 -14.94
C GLN A 201 -10.92 -46.58 -13.96
N GLU A 202 -10.23 -47.40 -13.18
CA GLU A 202 -9.11 -46.88 -12.40
C GLU A 202 -8.00 -46.45 -13.36
N ALA A 203 -7.44 -45.27 -13.10
CA ALA A 203 -6.47 -44.73 -14.04
C ALA A 203 -5.40 -43.94 -13.31
N GLU A 204 -4.37 -43.59 -14.06
CA GLU A 204 -3.28 -42.71 -13.61
C GLU A 204 -3.20 -41.52 -14.54
N LYS A 205 -3.18 -40.32 -13.96
CA LYS A 205 -3.19 -39.05 -14.68
C LYS A 205 -1.83 -38.37 -14.46
N GLY A 206 -1.25 -37.85 -15.54
CA GLY A 206 0.04 -37.21 -15.43
C GLY A 206 0.27 -36.20 -16.52
N VAL A 207 1.35 -35.45 -16.36
CA VAL A 207 1.75 -34.45 -17.33
C VAL A 207 3.25 -34.59 -17.51
N LYS A 208 3.72 -34.55 -18.75
CA LYS A 208 5.14 -34.49 -19.06
C LYS A 208 5.36 -33.27 -19.95
N PHE A 209 6.56 -32.71 -19.87
CA PHE A 209 6.90 -31.58 -20.73
C PHE A 209 7.37 -32.09 -22.09
N LEU A 210 6.83 -31.50 -23.15
CA LEU A 210 7.36 -31.71 -24.50
C LEU A 210 8.40 -30.67 -24.85
N THR A 211 8.07 -29.39 -24.64
CA THR A 211 8.97 -28.27 -24.87
C THR A 211 8.89 -27.32 -23.69
N LEU A 212 9.95 -26.52 -23.51
CA LEU A 212 10.01 -25.42 -22.56
C LEU A 212 10.31 -24.13 -23.33
N PRO A 213 9.68 -23.02 -22.96
CA PRO A 213 9.77 -21.80 -23.80
C PRO A 213 11.08 -21.04 -23.60
N PRO A 214 11.41 -20.13 -24.52
CA PRO A 214 12.58 -19.26 -24.31
C PRO A 214 12.55 -18.49 -23.00
N VAL A 215 11.39 -17.96 -22.61
CA VAL A 215 11.23 -17.19 -21.37
C VAL A 215 10.30 -17.98 -20.46
N LEU A 216 10.81 -18.40 -19.30
CA LEU A 216 10.14 -19.32 -18.39
C LEU A 216 9.75 -18.56 -17.14
N HIS A 217 8.45 -18.37 -16.95
CA HIS A 217 7.89 -17.68 -15.80
C HIS A 217 7.38 -18.72 -14.83
N LEU A 218 7.97 -18.76 -13.65
CA LEU A 218 7.61 -19.70 -12.62
C LEU A 218 6.91 -18.91 -11.52
N GLN A 219 5.62 -19.19 -11.34
CA GLN A 219 4.84 -18.71 -10.22
C GLN A 219 5.07 -19.63 -9.03
N LEU A 220 5.65 -19.10 -7.96
CA LEU A 220 5.83 -19.85 -6.71
C LEU A 220 4.58 -19.67 -5.86
N MET A 221 3.90 -20.77 -5.54
CA MET A 221 2.57 -20.66 -4.93
C MET A 221 2.67 -20.46 -3.41
N ARG A 222 3.26 -19.33 -3.02
CA ARG A 222 3.28 -18.94 -1.61
C ARG A 222 1.91 -18.48 -1.09
N PHE A 223 1.11 -17.80 -1.92
CA PHE A 223 -0.23 -17.35 -1.57
C PHE A 223 -1.24 -18.41 -2.03
N MET A 224 -1.88 -19.09 -1.06
CA MET A 224 -2.48 -20.41 -1.29
C MET A 224 -3.95 -20.50 -0.91
N TYR A 225 -4.65 -19.37 -0.75
CA TYR A 225 -6.10 -19.32 -0.57
C TYR A 225 -6.66 -20.37 0.39
N ASP A 226 -5.97 -20.61 1.50
CA ASP A 226 -6.38 -21.65 2.44
C ASP A 226 -7.73 -21.31 3.10
N PRO A 227 -8.79 -22.08 2.83
CA PRO A 227 -10.17 -21.89 3.28
C PRO A 227 -10.42 -22.76 4.55
N GLN A 228 -11.63 -22.90 5.10
CA GLN A 228 -12.88 -22.31 4.61
C GLN A 228 -13.74 -21.74 5.74
N THR A 229 -14.02 -20.45 5.69
CA THR A 229 -13.51 -19.56 4.64
C THR A 229 -12.98 -18.26 5.25
N ASP A 230 -11.68 -18.20 5.51
CA ASP A 230 -11.09 -17.03 6.14
C ASP A 230 -10.77 -15.87 5.17
N GLN A 231 -9.91 -16.04 4.14
CA GLN A 231 -9.20 -17.26 3.74
C GLN A 231 -7.73 -16.96 3.43
N ASN A 232 -7.30 -15.72 3.62
CA ASN A 232 -6.02 -15.27 3.10
C ASN A 232 -4.84 -15.83 3.88
N ILE A 233 -3.83 -16.33 3.16
CA ILE A 233 -2.59 -16.83 3.77
C ILE A 233 -1.40 -16.56 2.86
N LYS A 234 -0.20 -16.64 3.44
CA LYS A 234 1.06 -16.61 2.70
C LYS A 234 2.08 -17.56 3.33
N ILE A 235 2.63 -18.46 2.54
CA ILE A 235 3.61 -19.43 3.03
C ILE A 235 5.00 -18.84 2.92
N ASN A 236 5.69 -18.72 4.05
CA ASN A 236 7.00 -18.08 4.08
C ASN A 236 8.14 -19.10 4.26
N ASP A 237 7.85 -20.38 4.12
CA ASP A 237 8.88 -21.41 4.29
C ASP A 237 10.02 -21.24 3.30
N ARG A 238 11.15 -21.82 3.65
CA ARG A 238 12.34 -21.81 2.80
C ARG A 238 12.06 -22.55 1.50
N PHE A 239 12.47 -21.94 0.39
CA PHE A 239 12.34 -22.55 -0.93
C PHE A 239 13.53 -22.08 -1.77
N GLU A 240 14.45 -23.00 -2.07
CA GLU A 240 15.66 -22.67 -2.82
C GLU A 240 15.42 -22.75 -4.32
N PHE A 241 16.08 -21.86 -5.05
CA PHE A 241 16.07 -21.88 -6.49
C PHE A 241 17.47 -21.53 -6.95
N PRO A 242 17.95 -22.13 -8.02
CA PRO A 242 19.34 -21.90 -8.45
C PRO A 242 19.47 -20.83 -9.52
N GLU A 243 20.70 -20.37 -9.69
CA GLU A 243 21.04 -19.46 -10.77
C GLU A 243 20.98 -20.17 -12.11
N GLN A 244 21.41 -21.42 -12.16
CA GLN A 244 21.33 -22.24 -13.35
C GLN A 244 20.40 -23.41 -13.08
N LEU A 245 19.41 -23.56 -13.95
CA LEU A 245 18.32 -24.54 -13.75
C LEU A 245 18.33 -25.54 -14.89
N PRO A 246 18.78 -26.78 -14.68
CA PRO A 246 18.76 -27.77 -15.76
C PRO A 246 17.43 -28.51 -15.76
N LEU A 247 16.70 -28.49 -16.87
CA LEU A 247 15.37 -29.08 -16.87
C LEU A 247 15.25 -30.26 -17.81
N ASP A 248 16.36 -30.71 -18.43
CA ASP A 248 16.28 -31.78 -19.42
C ASP A 248 15.57 -33.01 -18.88
N GLU A 249 15.76 -33.31 -17.58
CA GLU A 249 15.19 -34.53 -17.01
C GLU A 249 13.68 -34.52 -16.93
N PHE A 250 13.03 -33.37 -17.14
CA PHE A 250 11.58 -33.30 -17.13
C PHE A 250 10.99 -33.26 -18.54
N LEU A 251 11.83 -33.42 -19.55
CA LEU A 251 11.36 -33.47 -20.92
C LEU A 251 11.08 -34.91 -21.29
N GLN A 252 9.94 -35.13 -21.95
CA GLN A 252 9.66 -36.40 -22.60
C GLN A 252 10.81 -36.83 -23.52
N LYS A 253 11.48 -35.88 -24.18
CA LYS A 253 12.57 -36.19 -25.09
C LYS A 253 13.54 -35.03 -25.11
N THR A 254 14.83 -35.29 -24.93
CA THR A 254 15.83 -34.24 -24.85
C THR A 254 16.52 -34.04 -26.21
N ASP A 255 17.05 -32.83 -26.41
CA ASP A 255 17.74 -32.48 -27.64
C ASP A 255 19.23 -32.39 -27.35
N PRO A 256 20.05 -33.28 -27.91
CA PRO A 256 21.49 -33.22 -27.61
C PRO A 256 22.12 -31.88 -27.99
N LYS A 257 21.59 -31.21 -29.01
CA LYS A 257 22.12 -29.94 -29.48
C LYS A 257 21.56 -28.74 -28.73
N ASP A 258 20.62 -28.95 -27.81
CA ASP A 258 19.91 -27.86 -27.14
C ASP A 258 19.35 -28.38 -25.82
N PRO A 259 20.22 -28.59 -24.83
CA PRO A 259 19.73 -29.01 -23.51
C PRO A 259 18.91 -27.92 -22.86
N ALA A 260 17.89 -28.32 -22.11
CA ALA A 260 17.01 -27.34 -21.46
C ALA A 260 17.68 -26.77 -20.17
N ASN A 261 18.74 -26.01 -20.40
CA ASN A 261 19.43 -25.26 -19.35
C ASN A 261 18.89 -23.84 -19.30
N TYR A 262 18.47 -23.38 -18.11
CA TYR A 262 17.88 -22.06 -17.94
C TYR A 262 18.72 -21.21 -16.99
N ILE A 263 18.75 -19.92 -17.27
CA ILE A 263 19.56 -18.93 -16.57
C ILE A 263 18.61 -18.02 -15.83
N LEU A 264 18.85 -17.80 -14.54
CA LEU A 264 17.94 -16.96 -13.75
C LEU A 264 18.07 -15.50 -14.19
N HIS A 265 16.95 -14.89 -14.51
CA HIS A 265 16.94 -13.52 -15.00
C HIS A 265 16.33 -12.53 -14.02
N ALA A 266 15.28 -12.93 -13.31
CA ALA A 266 14.51 -12.05 -12.43
C ALA A 266 13.93 -12.81 -11.25
N VAL A 267 13.94 -12.15 -10.10
CA VAL A 267 13.41 -12.66 -8.85
C VAL A 267 12.47 -11.58 -8.31
N LEU A 268 11.17 -11.85 -8.33
CA LEU A 268 10.16 -10.89 -7.88
C LEU A 268 9.85 -11.20 -6.42
N VAL A 269 10.01 -10.21 -5.54
CA VAL A 269 10.11 -10.43 -4.10
C VAL A 269 8.98 -9.73 -3.37
N HIS A 270 8.51 -10.35 -2.30
CA HIS A 270 7.49 -9.78 -1.43
C HIS A 270 8.00 -9.84 0.00
N SER A 271 7.91 -8.72 0.71
CA SER A 271 8.24 -8.68 2.14
C SER A 271 6.95 -8.63 2.93
N GLY A 272 6.81 -9.53 3.89
CA GLY A 272 5.68 -9.52 4.79
C GLY A 272 4.92 -10.82 4.79
N ASP A 273 3.64 -10.76 5.11
CA ASP A 273 2.78 -11.93 5.04
C ASP A 273 1.57 -11.58 4.22
N ASN A 274 0.45 -12.26 4.46
CA ASN A 274 -0.78 -11.92 3.77
C ASN A 274 -1.23 -10.51 4.17
N HIS A 275 -2.28 -10.04 3.50
CA HIS A 275 -2.93 -8.75 3.80
C HIS A 275 -2.04 -7.57 3.40
N GLY A 276 -0.90 -7.39 4.05
CA GLY A 276 -0.01 -6.28 3.74
C GLY A 276 1.39 -6.76 3.42
N GLY A 277 2.04 -6.05 2.49
CA GLY A 277 3.41 -6.41 2.15
C GLY A 277 4.07 -5.39 1.25
N HIS A 278 5.39 -5.54 1.11
CA HIS A 278 6.21 -4.68 0.27
C HIS A 278 6.77 -5.49 -0.90
N TYR A 279 6.85 -4.88 -2.08
CA TYR A 279 7.19 -5.56 -3.33
C TYR A 279 8.44 -4.96 -3.98
N VAL A 280 9.37 -5.84 -4.34
CA VAL A 280 10.65 -5.50 -4.98
C VAL A 280 10.91 -6.52 -6.08
N VAL A 281 11.72 -6.16 -7.07
CA VAL A 281 12.20 -7.13 -8.06
C VAL A 281 13.72 -7.02 -8.19
N TYR A 282 14.39 -8.17 -8.22
CA TYR A 282 15.81 -8.27 -8.55
C TYR A 282 15.98 -8.72 -9.99
N LEU A 283 16.84 -8.05 -10.75
CA LEU A 283 17.13 -8.46 -12.12
C LEU A 283 18.64 -8.39 -12.38
N ASN A 284 19.14 -9.30 -13.22
CA ASN A 284 20.39 -9.02 -13.93
C ASN A 284 20.03 -8.84 -15.40
N PRO A 285 19.69 -7.62 -15.82
CA PRO A 285 19.04 -7.41 -17.13
C PRO A 285 19.78 -8.03 -18.31
N LYS A 286 21.11 -8.05 -18.27
CA LYS A 286 21.91 -8.56 -19.38
C LYS A 286 22.19 -10.06 -19.26
N GLY A 287 21.65 -10.75 -18.27
CA GLY A 287 21.95 -12.15 -18.13
C GLY A 287 23.39 -12.47 -17.81
N ASP A 288 24.15 -11.48 -17.33
CA ASP A 288 25.58 -11.62 -17.06
C ASP A 288 25.90 -11.77 -15.57
N GLY A 289 24.90 -11.96 -14.71
CA GLY A 289 25.19 -12.12 -13.31
C GLY A 289 25.40 -10.84 -12.52
N LYS A 290 25.24 -9.67 -13.15
CA LYS A 290 25.36 -8.38 -12.47
C LYS A 290 23.95 -7.91 -12.07
N TRP A 291 23.58 -8.16 -10.82
CA TRP A 291 22.21 -7.91 -10.38
C TRP A 291 21.99 -6.49 -9.93
N CYS A 292 20.73 -6.05 -10.06
CA CYS A 292 20.23 -4.82 -9.45
C CYS A 292 18.95 -5.09 -8.69
N LYS A 293 18.71 -4.27 -7.68
CA LYS A 293 17.47 -4.26 -6.93
C LYS A 293 16.62 -3.09 -7.42
N PHE A 294 15.37 -3.38 -7.80
CA PHE A 294 14.42 -2.36 -8.28
C PHE A 294 13.32 -2.21 -7.23
N ASP A 295 13.36 -1.10 -6.49
CA ASP A 295 12.42 -0.89 -5.39
C ASP A 295 11.68 0.42 -5.65
N ASP A 296 10.65 0.34 -6.50
CA ASP A 296 9.90 1.51 -6.96
C ASP A 296 10.88 2.50 -7.57
N ASP A 297 11.05 3.66 -6.96
CA ASP A 297 11.90 4.68 -7.57
C ASP A 297 13.39 4.47 -7.30
N VAL A 298 13.76 3.51 -6.46
CA VAL A 298 15.14 3.32 -6.08
C VAL A 298 15.66 2.07 -6.78
N VAL A 299 16.67 2.24 -7.63
CA VAL A 299 17.37 1.14 -8.29
C VAL A 299 18.82 1.22 -7.87
N SER A 300 19.37 0.10 -7.42
CA SER A 300 20.76 0.07 -7.04
C SER A 300 21.34 -1.31 -7.34
N ARG A 301 22.64 -1.34 -7.59
CA ARG A 301 23.35 -2.59 -7.70
C ARG A 301 23.32 -3.35 -6.38
N CYS A 302 23.26 -4.69 -6.47
CA CYS A 302 23.29 -5.55 -5.28
C CYS A 302 24.18 -6.76 -5.55
N THR A 303 24.37 -7.61 -4.54
CA THR A 303 25.12 -8.83 -4.72
C THR A 303 24.23 -9.91 -5.32
N LYS A 304 24.86 -10.93 -5.90
CA LYS A 304 24.13 -12.11 -6.33
C LYS A 304 23.47 -12.81 -5.16
N GLU A 305 24.08 -12.72 -3.97
CA GLU A 305 23.50 -13.33 -2.79
C GLU A 305 22.22 -12.62 -2.37
N GLU A 306 22.18 -11.29 -2.49
CA GLU A 306 20.94 -10.59 -2.16
C GLU A 306 19.80 -10.99 -3.09
N ALA A 307 20.11 -11.22 -4.36
CA ALA A 307 19.09 -11.52 -5.36
C ALA A 307 18.55 -12.94 -5.20
N ILE A 308 19.41 -13.88 -4.83
CA ILE A 308 19.09 -15.30 -4.91
C ILE A 308 18.90 -15.83 -3.50
N GLU A 309 19.99 -16.26 -2.86
CA GLU A 309 19.91 -16.97 -1.60
C GLU A 309 19.13 -16.19 -0.54
N HIS A 310 19.31 -14.86 -0.49
CA HIS A 310 18.61 -14.05 0.50
C HIS A 310 17.10 -13.97 0.27
N ASN A 311 16.61 -14.53 -0.83
CA ASN A 311 15.18 -14.55 -1.14
C ASN A 311 14.59 -15.94 -1.04
N TYR A 312 15.30 -16.84 -0.39
CA TYR A 312 14.81 -18.19 -0.18
C TYR A 312 13.77 -18.26 0.95
N GLY A 313 13.69 -17.24 1.80
CA GLY A 313 12.85 -17.30 2.97
C GLY A 313 13.49 -18.18 4.04
N GLY A 314 12.94 -18.11 5.25
CA GLY A 314 13.67 -18.70 6.36
C GLY A 314 12.92 -18.61 7.68
N HIS A 315 13.66 -18.83 8.77
CA HIS A 315 13.09 -18.78 10.11
C HIS A 315 14.07 -18.09 11.06
N ASP A 316 13.51 -17.22 11.92
CA ASP A 316 14.23 -16.56 13.00
C ASP A 316 13.74 -16.97 14.37
N ASP A 317 12.43 -16.85 14.63
CA ASP A 317 11.82 -17.23 15.89
C ASP A 317 11.29 -18.66 15.81
N ASP A 318 10.52 -19.05 16.82
CA ASP A 318 9.86 -20.35 16.85
C ASP A 318 8.51 -20.26 16.15
N LEU A 319 8.11 -21.36 15.50
CA LEU A 319 6.90 -21.45 14.69
C LEU A 319 6.99 -20.53 13.46
N SER A 320 7.12 -19.22 13.69
CA SER A 320 7.26 -18.24 12.62
C SER A 320 7.71 -16.92 13.24
N VAL A 321 8.11 -15.99 12.38
CA VAL A 321 8.49 -14.65 12.83
C VAL A 321 7.66 -13.56 12.13
N ARG A 322 7.66 -13.46 10.79
CA ARG A 322 8.47 -14.25 9.85
C ARG A 322 9.66 -13.43 9.35
N HIS A 323 10.61 -14.09 8.68
CA HIS A 323 11.69 -13.37 8.01
C HIS A 323 11.90 -13.88 6.58
N CYS A 324 11.21 -13.40 5.54
CA CYS A 324 9.94 -12.63 5.43
C CYS A 324 10.06 -11.85 4.14
N THR A 325 11.17 -12.05 3.46
CA THR A 325 11.45 -11.37 2.21
C THR A 325 11.84 -12.45 1.20
N ASN A 326 10.85 -12.99 0.51
CA ASN A 326 11.10 -14.14 -0.33
C ASN A 326 10.46 -13.97 -1.70
N ALA A 327 10.84 -14.89 -2.59
CA ALA A 327 10.43 -14.87 -3.99
C ALA A 327 9.03 -15.41 -4.12
N TYR A 328 8.21 -14.76 -4.94
CA TYR A 328 6.94 -15.36 -5.34
C TYR A 328 6.86 -15.58 -6.85
N MET A 329 7.79 -15.03 -7.63
CA MET A 329 7.85 -15.33 -9.06
C MET A 329 9.30 -15.24 -9.53
N LEU A 330 9.67 -16.17 -10.41
CA LEU A 330 11.02 -16.22 -11.00
C LEU A 330 10.89 -16.22 -12.51
N VAL A 331 11.84 -15.57 -13.18
CA VAL A 331 11.98 -15.60 -14.65
C VAL A 331 13.33 -16.22 -14.96
N TYR A 332 13.30 -17.31 -15.72
CA TYR A 332 14.48 -17.97 -16.30
C TYR A 332 14.43 -17.81 -17.81
N ILE A 333 15.61 -17.71 -18.44
CA ILE A 333 15.70 -17.65 -19.90
C ILE A 333 16.54 -18.84 -20.35
N ARG A 334 16.10 -19.51 -21.41
CA ARG A 334 16.86 -20.63 -21.94
C ARG A 334 18.25 -20.14 -22.36
N GLU A 335 19.28 -20.79 -21.85
CA GLU A 335 20.64 -20.30 -22.09
C GLU A 335 20.93 -20.14 -23.58
N SER A 336 20.46 -21.07 -24.41
CA SER A 336 20.70 -20.97 -25.83
C SER A 336 19.94 -19.82 -26.48
N LYS A 337 18.96 -19.23 -25.77
CA LYS A 337 18.13 -18.15 -26.29
C LYS A 337 18.46 -16.83 -25.66
N LEU A 338 19.43 -16.80 -24.73
CA LEU A 338 19.69 -15.62 -23.93
C LEU A 338 20.07 -14.45 -24.81
N SER A 339 21.00 -14.69 -25.75
CA SER A 339 21.50 -13.65 -26.65
C SER A 339 20.40 -13.04 -27.46
N GLU A 340 19.43 -13.85 -27.86
CA GLU A 340 18.32 -13.35 -28.68
C GLU A 340 17.29 -12.61 -27.82
N VAL A 341 16.77 -13.28 -26.79
CA VAL A 341 15.83 -12.63 -25.88
C VAL A 341 16.40 -11.29 -25.39
N LEU A 342 17.67 -11.26 -25.01
CA LEU A 342 18.27 -10.07 -24.44
C LEU A 342 19.07 -9.25 -25.46
N GLN A 343 18.73 -9.35 -26.74
CA GLN A 343 19.35 -8.51 -27.77
C GLN A 343 19.27 -7.04 -27.40
N ALA A 344 20.28 -6.28 -27.83
CA ALA A 344 20.29 -4.85 -27.55
C ALA A 344 19.09 -4.16 -28.19
N VAL A 345 18.56 -3.14 -27.48
CA VAL A 345 17.54 -2.24 -28.02
C VAL A 345 18.12 -0.84 -28.08
N THR A 346 17.99 -0.15 -29.21
CA THR A 346 18.49 1.20 -29.37
C THR A 346 17.35 2.19 -29.61
N ASP A 347 17.70 3.47 -29.59
CA ASP A 347 16.70 4.48 -29.89
C ASP A 347 16.21 4.34 -31.33
N HIS A 348 16.98 3.67 -32.18
CA HIS A 348 16.57 3.44 -33.56
C HIS A 348 15.54 2.32 -33.69
N ASP A 349 15.35 1.49 -32.66
CA ASP A 349 14.31 0.47 -32.73
C ASP A 349 12.92 1.01 -32.41
N ILE A 350 12.77 2.30 -32.14
CA ILE A 350 11.50 2.89 -31.74
C ILE A 350 10.96 3.68 -32.92
N PRO A 351 9.82 3.29 -33.51
CA PRO A 351 9.31 3.99 -34.71
C PRO A 351 9.06 5.47 -34.43
N GLN A 352 9.41 6.29 -35.43
CA GLN A 352 9.32 7.74 -35.29
C GLN A 352 7.89 8.19 -35.00
N GLN A 353 6.90 7.48 -35.53
CA GLN A 353 5.51 7.78 -35.20
C GLN A 353 5.30 7.76 -33.69
N LEU A 354 5.81 6.72 -33.01
CA LEU A 354 5.67 6.64 -31.56
C LEU A 354 6.45 7.75 -30.89
N VAL A 355 7.70 7.95 -31.30
CA VAL A 355 8.57 8.97 -30.71
C VAL A 355 7.89 10.35 -30.72
N GLU A 356 7.36 10.75 -31.88
CA GLU A 356 6.78 12.07 -32.00
C GLU A 356 5.52 12.20 -31.15
N ARG A 357 4.71 11.15 -31.10
CA ARG A 357 3.52 11.19 -30.27
C ARG A 357 3.87 11.39 -28.80
N LEU A 358 4.88 10.68 -28.31
CA LEU A 358 5.22 10.81 -26.89
C LEU A 358 5.83 12.17 -26.60
N GLN A 359 6.66 12.68 -27.51
CA GLN A 359 7.23 14.01 -27.31
C GLN A 359 6.14 15.09 -27.38
N GLU A 360 5.11 14.88 -28.21
CA GLU A 360 3.96 15.77 -28.16
C GLU A 360 3.22 15.67 -26.84
N GLU A 361 3.02 14.44 -26.34
CA GLU A 361 2.43 14.28 -25.02
C GLU A 361 3.24 15.04 -23.98
N LYS A 362 4.55 14.78 -23.93
CA LYS A 362 5.44 15.50 -23.01
C LYS A 362 5.47 16.99 -23.31
N ARG A 363 5.06 17.39 -24.51
CA ARG A 363 4.85 18.79 -24.83
C ARG A 363 3.49 19.31 -24.38
N ILE A 364 2.49 18.44 -24.22
CA ILE A 364 1.22 18.86 -23.62
C ILE A 364 1.28 18.84 -22.09
N GLU A 365 2.04 17.91 -21.50
CA GLU A 365 2.13 17.84 -20.04
C GLU A 365 2.96 18.98 -19.46
N ALA A 366 3.83 19.61 -20.24
CA ALA A 366 4.74 20.63 -19.76
C ALA A 366 4.16 22.05 -19.87
N GLN A 367 2.90 22.18 -20.26
CA GLN A 367 2.19 23.46 -20.20
C GLN A 367 1.27 23.51 -18.98
N LYS A 368 1.82 23.16 -17.81
CA LYS A 368 1.06 23.23 -16.56
C LYS A 368 1.39 24.46 -15.72
N LYS B 22 -2.92 -14.04 20.27
CA LYS B 22 -3.20 -13.06 19.23
C LYS B 22 -4.28 -12.09 19.68
N LYS B 23 -4.60 -12.11 20.98
CA LYS B 23 -5.62 -11.25 21.56
C LYS B 23 -5.20 -10.82 22.96
N HIS B 24 -3.90 -10.52 23.11
CA HIS B 24 -3.37 -10.17 24.42
C HIS B 24 -3.65 -8.72 24.81
N THR B 25 -4.26 -7.92 23.93
CA THR B 25 -4.47 -6.52 24.22
C THR B 25 -5.91 -6.13 24.53
N GLY B 26 -6.88 -6.90 24.06
CA GLY B 26 -8.26 -6.46 24.20
C GLY B 26 -8.73 -5.53 23.11
N TYR B 27 -7.89 -5.20 22.13
CA TYR B 27 -8.24 -4.25 21.09
C TYR B 27 -8.06 -4.91 19.73
N VAL B 28 -8.92 -4.53 18.79
CA VAL B 28 -8.93 -5.16 17.48
C VAL B 28 -8.42 -4.16 16.45
N GLY B 29 -7.83 -4.69 15.38
CA GLY B 29 -7.24 -3.89 14.32
C GLY B 29 -8.19 -3.64 13.16
N LEU B 30 -7.68 -2.86 12.22
CA LEU B 30 -8.37 -2.48 10.99
C LEU B 30 -7.66 -3.11 9.80
N LYS B 31 -8.43 -3.62 8.84
CA LYS B 31 -7.86 -4.29 7.69
C LYS B 31 -7.04 -3.32 6.82
N ASN B 32 -6.06 -3.90 6.12
CA ASN B 32 -5.33 -3.17 5.08
C ASN B 32 -6.09 -3.37 3.78
N GLN B 33 -6.70 -2.30 3.27
CA GLN B 33 -7.53 -2.42 2.08
C GLN B 33 -7.07 -1.44 0.99
N GLY B 34 -5.80 -1.05 1.03
CA GLY B 34 -5.25 -0.18 0.02
C GLY B 34 -4.34 0.87 0.60
N ALA B 35 -3.89 1.81 -0.23
CA ALA B 35 -2.95 2.83 0.26
C ALA B 35 -3.72 3.97 0.94
N THR B 36 -4.54 3.64 1.93
CA THR B 36 -5.27 4.63 2.72
C THR B 36 -4.36 5.37 3.68
N CYS B 37 -3.08 5.04 3.73
CA CYS B 37 -2.08 5.83 4.46
C CYS B 37 -2.50 6.04 5.92
N TYR B 38 -2.78 7.28 6.32
CA TYR B 38 -3.03 7.67 7.71
C TYR B 38 -4.40 7.25 8.23
N MET B 39 -5.23 6.56 7.45
CA MET B 39 -6.65 6.44 7.81
C MET B 39 -6.88 5.54 9.01
N ASN B 40 -6.35 4.32 8.98
CA ASN B 40 -6.54 3.42 10.11
C ASN B 40 -5.95 4.00 11.38
N SER B 41 -4.77 4.64 11.27
CA SER B 41 -4.20 5.36 12.39
C SER B 41 -5.18 6.38 12.96
N LEU B 42 -5.78 7.19 12.11
CA LEU B 42 -6.73 8.19 12.58
C LEU B 42 -7.97 7.55 13.16
N LEU B 43 -8.49 6.50 12.51
CA LEU B 43 -9.70 5.86 12.99
C LEU B 43 -9.52 5.31 14.39
N GLN B 44 -8.37 4.66 14.65
CA GLN B 44 -8.13 4.18 16.00
C GLN B 44 -8.02 5.34 16.96
N THR B 45 -7.34 6.42 16.55
CA THR B 45 -7.18 7.59 17.39
C THR B 45 -8.52 8.14 17.84
N LEU B 46 -9.50 8.15 16.93
CA LEU B 46 -10.81 8.70 17.24
C LEU B 46 -11.67 7.72 18.03
N PHE B 47 -11.63 6.43 17.65
CA PHE B 47 -12.28 5.38 18.45
C PHE B 47 -11.96 5.53 19.93
N PHE B 48 -10.70 5.71 20.26
CA PHE B 48 -10.32 5.72 21.66
C PHE B 48 -10.48 7.09 22.31
N THR B 49 -11.03 8.07 21.58
CA THR B 49 -11.51 9.32 22.17
C THR B 49 -12.92 8.99 22.66
N ASN B 50 -12.99 8.41 23.86
CA ASN B 50 -14.23 7.74 24.28
C ASN B 50 -15.41 8.69 24.28
N GLN B 51 -15.25 9.90 24.80
CA GLN B 51 -16.39 10.82 24.82
C GLN B 51 -16.91 11.08 23.42
N LEU B 52 -16.00 11.21 22.44
CA LEU B 52 -16.41 11.34 21.04
C LEU B 52 -17.06 10.05 20.52
N ARG B 53 -16.51 8.87 20.87
CA ARG B 53 -17.12 7.63 20.36
C ARG B 53 -18.57 7.52 20.83
N LYS B 54 -18.83 7.78 22.13
CA LYS B 54 -20.19 7.67 22.64
C LYS B 54 -21.12 8.65 21.95
N ALA B 55 -20.68 9.90 21.78
CA ALA B 55 -21.48 10.88 21.02
C ALA B 55 -21.76 10.38 19.62
N VAL B 56 -20.76 9.79 18.96
CA VAL B 56 -20.98 9.24 17.63
C VAL B 56 -22.09 8.21 17.65
N TYR B 57 -22.14 7.38 18.69
CA TYR B 57 -23.20 6.37 18.79
C TYR B 57 -24.59 6.97 18.92
N MET B 58 -24.69 8.20 19.44
CA MET B 58 -25.97 8.85 19.65
C MET B 58 -26.51 9.58 18.42
N MET B 59 -25.82 9.56 17.28
CA MET B 59 -26.31 10.33 16.14
C MET B 59 -27.58 9.69 15.56
N PRO B 60 -28.61 10.51 15.24
CA PRO B 60 -29.88 9.98 14.71
C PRO B 60 -29.74 9.48 13.28
N THR B 61 -29.36 8.22 13.14
CA THR B 61 -28.88 7.68 11.90
C THR B 61 -29.86 6.72 11.23
N GLU B 62 -30.99 6.41 11.89
CA GLU B 62 -31.92 5.41 11.38
C GLU B 62 -32.38 5.73 9.96
N GLY B 63 -32.58 7.00 9.65
CA GLY B 63 -33.02 7.42 8.32
C GLY B 63 -31.94 7.57 7.28
N ASP B 64 -30.68 7.28 7.60
CA ASP B 64 -29.56 7.51 6.70
C ASP B 64 -29.47 6.47 5.60
N ASP B 65 -28.95 6.89 4.45
CA ASP B 65 -28.58 5.97 3.37
C ASP B 65 -27.37 5.14 3.77
N SER B 66 -27.52 3.81 3.81
CA SER B 66 -26.45 2.92 4.26
C SER B 66 -25.21 3.00 3.39
N SER B 67 -25.33 3.50 2.15
CA SER B 67 -24.20 3.62 1.23
C SER B 67 -23.67 5.04 1.08
N LYS B 68 -24.37 6.04 1.61
CA LYS B 68 -23.92 7.41 1.47
C LYS B 68 -23.59 8.10 2.79
N SER B 69 -23.82 7.46 3.94
CA SER B 69 -23.74 8.13 5.24
C SER B 69 -22.35 7.96 5.85
N VAL B 70 -21.56 9.05 5.84
CA VAL B 70 -20.35 9.07 6.66
C VAL B 70 -20.67 8.90 8.14
N PRO B 71 -21.67 9.59 8.72
CA PRO B 71 -21.96 9.33 10.14
C PRO B 71 -22.24 7.87 10.46
N LEU B 72 -23.09 7.20 9.67
CA LEU B 72 -23.37 5.78 9.85
C LEU B 72 -22.12 4.93 9.63
N ALA B 73 -21.32 5.25 8.62
CA ALA B 73 -20.13 4.44 8.39
C ALA B 73 -19.14 4.58 9.56
N LEU B 74 -19.14 5.72 10.26
CA LEU B 74 -18.25 5.84 11.42
C LEU B 74 -18.81 5.06 12.60
N GLN B 75 -20.15 5.11 12.79
CA GLN B 75 -20.78 4.26 13.80
C GLN B 75 -20.51 2.79 13.53
N ARG B 76 -20.57 2.37 12.27
CA ARG B 76 -20.28 0.99 11.93
C ARG B 76 -18.85 0.61 12.30
N VAL B 77 -17.88 1.43 11.89
CA VAL B 77 -16.48 1.14 12.23
C VAL B 77 -16.30 1.08 13.74
N PHE B 78 -16.81 2.09 14.46
CA PHE B 78 -16.63 2.13 15.92
C PHE B 78 -17.31 0.94 16.59
N TYR B 79 -18.52 0.59 16.16
CA TYR B 79 -19.20 -0.57 16.72
C TYR B 79 -18.37 -1.82 16.52
N GLU B 80 -17.88 -2.04 15.30
CA GLU B 80 -17.06 -3.21 15.04
C GLU B 80 -15.77 -3.18 15.84
N LEU B 81 -15.12 -2.00 15.93
CA LEU B 81 -13.92 -1.91 16.77
C LEU B 81 -14.24 -2.30 18.21
N GLN B 82 -15.42 -1.94 18.71
CA GLN B 82 -15.77 -2.27 20.07
C GLN B 82 -16.14 -3.74 20.24
N HIS B 83 -16.69 -4.38 19.20
CA HIS B 83 -17.28 -5.72 19.38
C HIS B 83 -16.56 -6.85 18.66
N SER B 84 -15.92 -6.60 17.53
CA SER B 84 -15.40 -7.68 16.71
C SER B 84 -14.12 -8.26 17.30
N ASP B 85 -13.95 -9.58 17.13
CA ASP B 85 -12.68 -10.25 17.39
C ASP B 85 -11.75 -10.27 16.18
N LYS B 86 -12.28 -10.01 14.99
CA LYS B 86 -11.50 -10.06 13.76
C LYS B 86 -11.26 -8.65 13.21
N PRO B 87 -10.24 -8.47 12.37
CA PRO B 87 -9.94 -7.15 11.81
C PRO B 87 -11.16 -6.52 11.12
N VAL B 88 -11.26 -5.20 11.22
CA VAL B 88 -12.46 -4.45 10.83
C VAL B 88 -12.22 -3.83 9.46
N GLY B 89 -13.18 -4.04 8.52
CA GLY B 89 -13.08 -3.43 7.21
C GLY B 89 -13.59 -2.00 7.20
N THR B 90 -13.22 -1.23 6.18
CA THR B 90 -13.59 0.18 6.11
C THR B 90 -14.15 0.56 4.76
N LYS B 91 -14.51 -0.41 3.92
CA LYS B 91 -14.86 -0.11 2.54
C LYS B 91 -16.08 0.81 2.45
N LYS B 92 -17.08 0.60 3.31
CA LYS B 92 -18.25 1.48 3.32
C LYS B 92 -17.87 2.90 3.71
N LEU B 93 -16.86 3.04 4.57
CA LEU B 93 -16.42 4.37 4.98
C LEU B 93 -15.73 5.10 3.83
N THR B 94 -14.75 4.46 3.19
CA THR B 94 -14.05 5.13 2.10
C THR B 94 -15.01 5.46 0.97
N LYS B 95 -16.04 4.64 0.78
CA LYS B 95 -17.07 4.95 -0.20
C LYS B 95 -17.93 6.12 0.25
N SER B 96 -18.22 6.23 1.55
CA SER B 96 -19.12 7.28 2.02
C SER B 96 -18.54 8.67 1.79
N PHE B 97 -17.23 8.87 1.96
CA PHE B 97 -16.70 10.20 1.67
C PHE B 97 -15.89 10.26 0.38
N GLY B 98 -16.04 9.26 -0.48
CA GLY B 98 -15.66 9.42 -1.88
C GLY B 98 -14.18 9.44 -2.17
N TRP B 99 -13.36 8.83 -1.32
CA TRP B 99 -11.92 8.65 -1.55
C TRP B 99 -11.71 7.19 -1.90
N GLU B 100 -11.65 6.90 -3.20
CA GLU B 100 -11.75 5.53 -3.68
C GLU B 100 -10.75 5.19 -4.77
N THR B 101 -9.97 6.15 -5.29
CA THR B 101 -8.99 5.83 -6.32
C THR B 101 -7.69 5.34 -5.67
N LEU B 102 -6.76 4.87 -6.52
CA LEU B 102 -5.52 4.27 -6.03
C LEU B 102 -4.77 5.18 -5.07
N ASP B 103 -4.61 6.45 -5.45
CA ASP B 103 -3.69 7.34 -4.76
C ASP B 103 -4.41 8.48 -4.06
N SER B 104 -5.74 8.39 -3.93
CA SER B 104 -6.51 9.53 -3.40
C SER B 104 -6.17 9.82 -1.94
N PHE B 105 -5.85 8.80 -1.14
CA PHE B 105 -5.40 9.10 0.21
C PHE B 105 -4.01 9.71 0.20
N MET B 106 -3.20 9.35 -0.80
CA MET B 106 -1.88 9.94 -1.01
C MET B 106 -1.96 11.37 -1.56
N GLN B 107 -3.13 11.83 -1.99
CA GLN B 107 -3.31 13.19 -2.45
C GLN B 107 -3.87 14.11 -1.38
N HIS B 108 -3.95 13.64 -0.13
CA HIS B 108 -4.47 14.43 0.97
C HIS B 108 -3.57 14.23 2.18
N ASP B 109 -3.94 14.82 3.31
CA ASP B 109 -3.19 14.57 4.53
C ASP B 109 -4.17 14.26 5.66
N VAL B 110 -3.61 13.84 6.80
CA VAL B 110 -4.42 13.41 7.91
C VAL B 110 -5.30 14.53 8.43
N GLN B 111 -4.82 15.77 8.33
CA GLN B 111 -5.59 16.91 8.80
C GLN B 111 -6.86 17.11 7.98
N GLU B 112 -6.81 16.85 6.68
CA GLU B 112 -8.00 17.03 5.86
C GLU B 112 -9.02 15.92 6.12
N LEU B 113 -8.56 14.68 6.23
CA LEU B 113 -9.46 13.57 6.54
C LEU B 113 -10.18 13.82 7.86
N CYS B 114 -9.41 14.20 8.89
CA CYS B 114 -10.04 14.37 10.20
C CYS B 114 -11.08 15.49 10.16
N ARG B 115 -10.72 16.62 9.54
CA ARG B 115 -11.66 17.71 9.39
C ARG B 115 -12.97 17.23 8.77
N VAL B 116 -12.90 16.46 7.69
CA VAL B 116 -14.10 16.00 6.98
C VAL B 116 -14.94 15.10 7.87
N LEU B 117 -14.31 14.07 8.47
CA LEU B 117 -15.01 13.15 9.35
C LEU B 117 -15.68 13.89 10.51
N LEU B 118 -14.90 14.68 11.24
CA LEU B 118 -15.47 15.32 12.42
C LEU B 118 -16.52 16.36 12.03
N ASP B 119 -16.34 17.01 10.88
CA ASP B 119 -17.37 17.98 10.48
C ASP B 119 -18.69 17.27 10.19
N ASN B 120 -18.63 16.11 9.52
CA ASN B 120 -19.84 15.32 9.28
C ASN B 120 -20.54 14.95 10.58
N VAL B 121 -19.80 14.37 11.54
CA VAL B 121 -20.47 13.85 12.72
C VAL B 121 -21.06 14.98 13.55
N GLU B 122 -20.31 16.09 13.72
CA GLU B 122 -20.88 17.23 14.45
C GLU B 122 -22.15 17.73 13.80
N ASN B 123 -22.15 17.90 12.47
CA ASN B 123 -23.39 18.33 11.81
C ASN B 123 -24.53 17.35 12.08
N LYS B 124 -24.23 16.05 12.07
CA LYS B 124 -25.24 15.04 12.33
C LYS B 124 -25.77 15.07 13.76
N MET B 125 -24.98 15.61 14.70
CA MET B 125 -25.42 15.78 16.07
C MET B 125 -26.20 17.09 16.30
N LYS B 126 -26.51 17.85 15.25
CA LYS B 126 -27.28 19.08 15.45
C LYS B 126 -28.68 18.74 15.96
N GLY B 127 -29.14 19.52 16.93
CA GLY B 127 -30.46 19.33 17.49
C GLY B 127 -30.61 18.12 18.39
N THR B 128 -29.49 17.56 18.84
CA THR B 128 -29.44 16.32 19.60
C THR B 128 -28.80 16.60 20.95
N CYS B 129 -28.99 15.67 21.92
CA CYS B 129 -28.43 15.82 23.27
C CYS B 129 -26.91 15.92 23.26
N VAL B 130 -26.32 15.59 22.13
CA VAL B 130 -24.87 15.55 22.07
C VAL B 130 -24.31 16.60 21.12
N GLU B 131 -25.16 17.53 20.66
CA GLU B 131 -24.71 18.67 19.86
C GLU B 131 -23.61 19.45 20.57
N GLY B 132 -22.63 19.91 19.80
CA GLY B 132 -21.50 20.65 20.32
C GLY B 132 -20.35 19.82 20.87
N THR B 133 -20.45 18.48 20.80
CA THR B 133 -19.37 17.63 21.28
C THR B 133 -18.04 17.94 20.61
N ILE B 134 -18.06 18.26 19.31
CA ILE B 134 -16.79 18.40 18.59
C ILE B 134 -16.08 19.67 19.05
N PRO B 135 -16.72 20.86 19.07
CA PRO B 135 -16.02 22.01 19.65
C PRO B 135 -15.71 21.87 21.13
N LYS B 136 -16.60 21.28 21.93
CA LYS B 136 -16.26 21.03 23.33
C LYS B 136 -14.93 20.25 23.43
N LEU B 137 -14.76 19.19 22.63
CA LEU B 137 -13.54 18.39 22.72
C LEU B 137 -12.35 19.08 22.07
N PHE B 138 -12.51 19.73 20.92
CA PHE B 138 -11.35 20.10 20.09
C PHE B 138 -11.14 21.60 19.89
N ARG B 139 -12.06 22.46 20.31
CA ARG B 139 -11.97 23.87 19.97
C ARG B 139 -11.13 24.63 20.99
N GLY B 140 -10.15 25.38 20.49
CA GLY B 140 -9.40 26.32 21.30
C GLY B 140 -9.58 27.73 20.73
N LYS B 141 -9.07 28.70 21.48
CA LYS B 141 -9.22 30.10 21.15
C LYS B 141 -7.85 30.79 21.09
N MET B 142 -7.61 31.50 19.99
CA MET B 142 -6.41 32.29 19.72
C MET B 142 -6.78 33.76 19.57
N VAL B 143 -5.74 34.59 19.57
CA VAL B 143 -5.83 36.00 19.17
C VAL B 143 -4.65 36.29 18.25
N SER B 144 -4.94 36.65 17.01
CA SER B 144 -3.93 37.07 16.05
C SER B 144 -3.92 38.60 15.98
N TYR B 145 -2.75 39.19 16.16
CA TYR B 145 -2.62 40.63 16.27
C TYR B 145 -1.65 41.19 15.25
N ILE B 146 -1.85 42.46 14.90
CA ILE B 146 -0.85 43.28 14.24
C ILE B 146 -0.71 44.56 15.04
N GLN B 147 0.51 44.86 15.49
CA GLN B 147 0.83 46.07 16.25
C GLN B 147 1.74 46.96 15.43
N CYS B 148 1.28 48.19 15.15
CA CYS B 148 2.12 49.18 14.50
C CYS B 148 3.13 49.75 15.48
N LYS B 149 4.37 49.89 15.03
CA LYS B 149 5.45 50.42 15.88
C LYS B 149 5.40 51.95 15.95
N GLU B 150 5.71 52.62 14.84
CA GLU B 150 5.79 54.08 14.81
C GLU B 150 4.44 54.75 15.06
N VAL B 151 3.32 54.07 14.86
CA VAL B 151 2.01 54.70 14.98
C VAL B 151 1.13 53.84 15.88
N ASP B 152 0.05 54.44 16.38
CA ASP B 152 -0.78 53.80 17.39
C ASP B 152 -2.04 53.21 16.74
N TYR B 153 -1.88 52.00 16.22
CA TYR B 153 -2.99 51.23 15.68
C TYR B 153 -2.68 49.77 15.95
N ARG B 154 -3.72 49.02 16.28
CA ARG B 154 -3.60 47.60 16.48
C ARG B 154 -4.83 46.93 15.90
N SER B 155 -4.65 45.74 15.34
CA SER B 155 -5.79 44.94 14.88
C SER B 155 -5.73 43.60 15.61
N ASP B 156 -6.72 43.36 16.46
CA ASP B 156 -6.87 42.07 17.12
C ASP B 156 -8.03 41.32 16.50
N ARG B 157 -7.94 40.00 16.53
CA ARG B 157 -9.02 39.16 16.02
C ARG B 157 -8.97 37.80 16.70
N ARG B 158 -10.02 37.45 17.43
CA ARG B 158 -10.11 36.12 18.00
C ARG B 158 -10.27 35.13 16.85
N GLU B 159 -9.66 33.96 17.00
CA GLU B 159 -9.78 32.87 16.04
C GLU B 159 -10.03 31.59 16.82
N ASP B 160 -11.00 30.80 16.37
CA ASP B 160 -11.13 29.42 16.82
C ASP B 160 -10.12 28.56 16.07
N TYR B 161 -9.56 27.58 16.77
CA TYR B 161 -8.70 26.59 16.12
C TYR B 161 -9.09 25.23 16.68
N TYR B 162 -8.86 24.17 15.90
CA TYR B 162 -9.25 22.83 16.30
C TYR B 162 -8.07 21.86 16.28
N ASP B 163 -6.89 22.36 15.94
CA ASP B 163 -5.62 21.63 15.97
C ASP B 163 -4.53 22.69 15.82
N ILE B 164 -3.28 22.27 15.94
CA ILE B 164 -2.12 23.15 15.80
C ILE B 164 -1.12 22.47 14.88
N GLN B 165 -0.66 23.15 13.84
CA GLN B 165 0.41 22.64 13.00
C GLN B 165 1.73 23.21 13.50
N LEU B 166 2.63 22.32 13.88
CA LEU B 166 3.90 22.70 14.46
C LEU B 166 4.98 22.56 13.40
N SER B 167 5.79 23.59 13.24
CA SER B 167 7.01 23.48 12.45
C SER B 167 8.03 22.69 13.21
N ILE B 168 8.74 21.82 12.51
CA ILE B 168 9.70 20.96 13.20
C ILE B 168 11.11 21.14 12.64
N LYS B 169 11.23 21.58 11.38
CA LYS B 169 12.54 21.68 10.76
C LYS B 169 13.35 22.80 11.40
N GLY B 170 14.49 22.43 11.99
CA GLY B 170 15.28 23.36 12.76
C GLY B 170 14.88 23.48 14.21
N LYS B 171 13.87 22.75 14.64
CA LYS B 171 13.49 22.67 16.04
C LYS B 171 13.80 21.27 16.56
N LYS B 172 14.16 21.19 17.83
CA LYS B 172 14.58 19.91 18.40
C LYS B 172 13.49 19.22 19.17
N ASN B 173 12.52 19.98 19.69
CA ASN B 173 11.45 19.40 20.52
C ASN B 173 10.20 20.26 20.39
N ILE B 174 9.12 19.80 21.01
CA ILE B 174 7.84 20.48 20.92
C ILE B 174 7.89 21.87 21.53
N PHE B 175 8.73 22.05 22.55
CA PHE B 175 8.81 23.37 23.20
C PHE B 175 9.29 24.43 22.23
N GLU B 176 10.30 24.10 21.42
CA GLU B 176 10.81 25.05 20.45
C GLU B 176 9.79 25.32 19.35
N SER B 177 8.97 24.33 18.99
CA SER B 177 7.91 24.58 18.03
C SER B 177 6.88 25.56 18.58
N PHE B 178 6.35 25.29 19.78
CA PHE B 178 5.43 26.25 20.38
C PHE B 178 6.07 27.63 20.54
N VAL B 179 7.35 27.68 20.91
CA VAL B 179 8.05 28.97 20.97
C VAL B 179 7.98 29.66 19.63
N ASP B 180 8.36 28.95 18.56
CA ASP B 180 8.32 29.52 17.22
C ASP B 180 6.89 29.89 16.80
N TYR B 181 5.89 29.13 17.24
CA TYR B 181 4.51 29.42 16.86
C TYR B 181 4.07 30.79 17.35
N VAL B 182 4.41 31.14 18.59
CA VAL B 182 3.92 32.39 19.15
C VAL B 182 4.94 33.51 18.94
N ALA B 183 5.94 33.28 18.09
CA ALA B 183 6.99 34.28 17.92
C ALA B 183 6.46 35.50 17.16
N VAL B 184 7.17 36.62 17.29
CA VAL B 184 6.73 37.88 16.69
C VAL B 184 7.32 38.00 15.29
N GLU B 185 6.45 38.17 14.29
CA GLU B 185 6.90 38.39 12.93
C GLU B 185 7.06 39.90 12.69
N GLN B 186 8.16 40.24 12.04
CA GLN B 186 8.53 41.63 11.76
C GLN B 186 8.06 42.01 10.37
N LEU B 187 7.18 43.01 10.31
CA LEU B 187 6.63 43.50 9.05
C LEU B 187 7.42 44.75 8.66
N ASP B 188 8.39 44.57 7.74
CA ASP B 188 9.37 45.58 7.36
C ASP B 188 9.58 45.56 5.86
N GLY B 189 10.19 46.63 5.33
CA GLY B 189 10.57 46.66 3.93
C GLY B 189 9.39 46.43 3.00
N ASP B 190 9.55 45.49 2.07
CA ASP B 190 8.47 45.18 1.14
C ASP B 190 7.26 44.61 1.87
N ASN B 191 7.43 44.19 3.11
CA ASN B 191 6.37 43.63 3.92
C ASN B 191 5.93 44.57 5.04
N LYS B 192 5.90 45.87 4.77
CA LYS B 192 5.28 46.79 5.71
C LYS B 192 3.77 46.57 5.74
N TYR B 193 3.16 46.93 6.87
CA TYR B 193 1.73 46.71 7.08
C TYR B 193 0.90 47.86 6.57
N ASP B 194 -0.13 47.55 5.78
CA ASP B 194 -1.07 48.54 5.29
C ASP B 194 -1.98 48.93 6.45
N ALA B 195 -1.64 50.03 7.12
CA ALA B 195 -2.41 50.52 8.25
C ALA B 195 -3.48 51.53 7.80
N GLY B 196 -3.99 51.38 6.58
CA GLY B 196 -5.14 52.14 6.11
C GLY B 196 -4.88 53.63 6.09
N GLU B 197 -5.63 54.36 6.93
CA GLU B 197 -5.41 55.79 7.07
C GLU B 197 -3.96 56.13 7.39
N HIS B 198 -3.29 55.29 8.18
CA HIS B 198 -1.93 55.62 8.55
C HIS B 198 -0.92 55.31 7.46
N GLY B 199 -1.36 54.81 6.30
CA GLY B 199 -0.42 54.40 5.28
C GLY B 199 0.38 53.19 5.73
N LEU B 200 1.40 52.88 4.93
CA LEU B 200 2.21 51.70 5.19
C LEU B 200 3.07 51.91 6.41
N GLN B 201 3.18 50.89 7.26
CA GLN B 201 3.82 51.05 8.55
C GLN B 201 4.55 49.78 8.95
N GLU B 202 5.66 49.98 9.67
CA GLU B 202 6.38 48.88 10.31
C GLU B 202 5.58 48.35 11.47
N ALA B 203 5.44 47.02 11.53
CA ALA B 203 4.51 46.42 12.48
C ALA B 203 5.03 45.08 12.92
N GLU B 204 4.47 44.58 14.02
CA GLU B 204 4.77 43.25 14.51
C GLU B 204 3.49 42.42 14.49
N LYS B 205 3.61 41.17 14.07
CA LYS B 205 2.46 40.30 13.82
C LYS B 205 2.71 38.98 14.52
N GLY B 206 1.78 38.59 15.39
CA GLY B 206 1.96 37.36 16.14
C GLY B 206 0.66 36.68 16.49
N VAL B 207 0.76 35.64 17.30
CA VAL B 207 -0.38 34.83 17.73
C VAL B 207 -0.25 34.57 19.22
N LYS B 208 -1.37 34.65 19.94
CA LYS B 208 -1.43 34.36 21.35
C LYS B 208 -2.53 33.35 21.61
N PHE B 209 -2.28 32.41 22.52
CA PHE B 209 -3.26 31.41 22.89
C PHE B 209 -4.12 31.90 24.05
N LEU B 210 -5.44 31.84 23.88
CA LEU B 210 -6.34 32.16 24.96
C LEU B 210 -6.74 30.91 25.72
N THR B 211 -7.18 29.88 25.00
CA THR B 211 -7.46 28.58 25.58
C THR B 211 -6.78 27.49 24.76
N LEU B 212 -6.61 26.35 25.41
CA LEU B 212 -6.22 25.09 24.80
C LEU B 212 -7.34 24.09 25.04
N PRO B 213 -7.69 23.27 24.04
CA PRO B 213 -8.88 22.40 24.15
C PRO B 213 -8.60 21.13 24.92
N PRO B 214 -9.65 20.44 25.40
CA PRO B 214 -9.46 19.16 26.10
C PRO B 214 -8.69 18.13 25.30
N VAL B 215 -8.98 17.98 24.01
CA VAL B 215 -8.26 17.07 23.12
C VAL B 215 -7.43 17.91 22.15
N LEU B 216 -6.12 17.73 22.20
CA LEU B 216 -5.16 18.55 21.50
C LEU B 216 -4.51 17.72 20.39
N HIS B 217 -4.80 18.06 19.14
CA HIS B 217 -4.19 17.43 17.97
C HIS B 217 -3.07 18.34 17.47
N LEU B 218 -1.84 17.83 17.50
CA LEU B 218 -0.65 18.53 17.02
C LEU B 218 -0.20 17.89 15.72
N GLN B 219 -0.30 18.63 14.63
CA GLN B 219 0.26 18.21 13.34
C GLN B 219 1.71 18.64 13.26
N LEU B 220 2.62 17.66 13.16
CA LEU B 220 4.06 17.97 13.00
C LEU B 220 4.35 18.02 11.51
N MET B 221 4.77 19.20 11.03
CA MET B 221 4.90 19.45 9.60
C MET B 221 6.19 18.82 9.06
N ARG B 222 6.19 17.49 9.05
CA ARG B 222 7.25 16.75 8.40
C ARG B 222 7.06 16.65 6.90
N PHE B 223 5.81 16.57 6.43
CA PHE B 223 5.52 16.51 5.00
C PHE B 223 5.23 17.92 4.49
N MET B 224 6.11 18.42 3.62
CA MET B 224 5.97 19.76 3.03
C MET B 224 6.21 19.75 1.51
N ILE B 233 8.39 16.88 0.07
CA ILE B 233 9.49 16.45 0.91
C ILE B 233 9.01 15.95 2.28
N LYS B 234 9.67 14.91 2.81
CA LYS B 234 9.44 14.44 4.17
C LYS B 234 10.65 14.75 5.03
N ILE B 235 10.49 15.66 6.00
CA ILE B 235 11.57 15.95 6.94
C ILE B 235 11.66 14.84 7.97
N ASN B 236 12.81 14.18 8.04
CA ASN B 236 13.03 13.04 8.93
C ASN B 236 13.93 13.36 10.10
N ASP B 237 14.18 14.65 10.36
CA ASP B 237 15.06 15.04 11.44
C ASP B 237 14.48 14.66 12.80
N ARG B 238 15.37 14.57 13.78
CA ARG B 238 14.95 14.25 15.14
C ARG B 238 14.03 15.32 15.68
N PHE B 239 12.93 14.91 16.31
CA PHE B 239 11.99 15.84 16.92
C PHE B 239 11.37 15.17 18.14
N GLU B 240 11.74 15.67 19.32
CA GLU B 240 11.35 15.07 20.59
C GLU B 240 10.06 15.69 21.11
N PHE B 241 9.22 14.85 21.70
CA PHE B 241 8.00 15.27 22.34
C PHE B 241 7.88 14.51 23.65
N PRO B 242 7.32 15.13 24.68
CA PRO B 242 7.25 14.49 25.99
C PRO B 242 5.92 13.78 26.25
N GLU B 243 5.98 12.86 27.21
CA GLU B 243 4.79 12.21 27.72
C GLU B 243 3.89 13.21 28.45
N GLN B 244 4.50 14.15 29.17
CA GLN B 244 3.75 15.18 29.87
C GLN B 244 4.17 16.54 29.33
N LEU B 245 3.19 17.31 28.86
CA LEU B 245 3.46 18.54 28.14
C LEU B 245 2.82 19.71 28.87
N PRO B 246 3.59 20.52 29.60
CA PRO B 246 3.03 21.69 30.26
C PRO B 246 2.99 22.86 29.28
N LEU B 247 1.85 23.54 29.23
CA LEU B 247 1.64 24.56 28.21
C LEU B 247 1.18 25.91 28.78
N ASP B 248 1.13 26.07 30.10
CA ASP B 248 0.73 27.35 30.67
C ASP B 248 1.57 28.50 30.15
N GLU B 249 2.86 28.29 29.91
CA GLU B 249 3.74 29.39 29.49
C GLU B 249 3.23 30.07 28.24
N PHE B 250 2.54 29.33 27.36
CA PHE B 250 2.10 29.89 26.10
C PHE B 250 0.70 30.49 26.18
N LEU B 251 0.01 30.34 27.30
CA LEU B 251 -1.29 30.97 27.46
C LEU B 251 -1.10 32.42 27.85
N GLN B 252 -1.94 33.29 27.28
CA GLN B 252 -1.92 34.71 27.66
C GLN B 252 -2.26 34.88 29.14
N LYS B 253 -3.24 34.12 29.63
CA LYS B 253 -3.65 34.21 31.03
C LYS B 253 -3.91 32.80 31.54
N THR B 254 -3.13 32.38 32.53
CA THR B 254 -3.26 31.03 33.04
C THR B 254 -4.29 30.97 34.16
N ASP B 255 -4.76 29.75 34.43
CA ASP B 255 -5.76 29.50 35.46
C ASP B 255 -5.14 28.63 36.53
N PRO B 256 -5.07 29.10 37.78
CA PRO B 256 -4.42 28.30 38.83
C PRO B 256 -5.12 26.99 39.11
N LYS B 257 -6.43 26.92 38.92
CA LYS B 257 -7.15 25.68 39.21
C LYS B 257 -7.10 24.68 38.08
N ASP B 258 -6.70 25.10 36.87
CA ASP B 258 -6.69 24.22 35.70
C ASP B 258 -5.45 24.55 34.86
N PRO B 259 -4.28 24.06 35.27
CA PRO B 259 -3.07 24.30 34.48
C PRO B 259 -3.11 23.53 33.16
N ALA B 260 -2.45 24.09 32.16
CA ALA B 260 -2.47 23.52 30.81
C ALA B 260 -1.44 22.39 30.70
N ASN B 261 -1.66 21.38 31.53
CA ASN B 261 -0.86 20.16 31.54
C ASN B 261 -1.54 19.12 30.67
N TYR B 262 -0.81 18.58 29.70
CA TYR B 262 -1.38 17.67 28.72
C TYR B 262 -0.68 16.33 28.78
N ILE B 263 -1.44 15.27 28.52
CA ILE B 263 -1.00 13.89 28.67
C ILE B 263 -0.96 13.25 27.30
N LEU B 264 0.18 12.69 26.92
CA LEU B 264 0.29 12.09 25.60
C LEU B 264 -0.58 10.84 25.50
N HIS B 265 -1.44 10.81 24.50
CA HIS B 265 -2.42 9.75 24.23
C HIS B 265 -2.10 8.95 22.99
N ALA B 266 -1.77 9.62 21.88
CA ALA B 266 -1.62 8.98 20.59
C ALA B 266 -0.38 9.50 19.88
N VAL B 267 0.32 8.60 19.19
CA VAL B 267 1.47 8.94 18.35
C VAL B 267 1.26 8.27 17.01
N LEU B 268 0.91 9.05 15.98
CA LEU B 268 0.72 8.51 14.62
C LEU B 268 2.07 8.55 13.90
N VAL B 269 2.50 7.41 13.40
CA VAL B 269 3.88 7.28 12.94
C VAL B 269 3.89 6.99 11.45
N HIS B 270 4.95 7.47 10.78
CA HIS B 270 5.20 7.14 9.39
C HIS B 270 6.64 6.67 9.24
N SER B 271 6.83 5.51 8.64
CA SER B 271 8.15 4.98 8.37
C SER B 271 8.37 5.03 6.86
N GLY B 272 9.41 5.76 6.45
CA GLY B 272 9.80 5.86 5.07
C GLY B 272 10.21 7.27 4.72
N ASP B 273 10.42 7.50 3.43
CA ASP B 273 10.79 8.81 2.93
C ASP B 273 9.53 9.52 2.44
N ASN B 274 9.70 10.56 1.62
CA ASN B 274 8.55 11.33 1.16
C ASN B 274 7.62 10.46 0.31
N HIS B 275 8.17 9.77 -0.68
CA HIS B 275 7.38 8.99 -1.63
C HIS B 275 7.11 7.62 -1.01
N GLY B 276 5.93 7.46 -0.41
CA GLY B 276 5.51 6.19 0.14
C GLY B 276 6.11 5.81 1.48
N GLY B 277 5.40 5.00 2.24
CA GLY B 277 5.89 4.55 3.53
C GLY B 277 4.86 3.72 4.24
N HIS B 278 5.17 3.36 5.48
CA HIS B 278 4.29 2.55 6.30
C HIS B 278 3.78 3.37 7.48
N TYR B 279 2.52 3.19 7.82
CA TYR B 279 1.83 4.01 8.80
C TYR B 279 1.34 3.16 9.96
N VAL B 280 1.64 3.59 11.18
CA VAL B 280 1.27 2.89 12.40
C VAL B 280 0.85 3.96 13.41
N VAL B 281 0.03 3.57 14.39
CA VAL B 281 -0.32 4.47 15.49
C VAL B 281 -0.07 3.80 16.83
N TYR B 282 0.55 4.53 17.73
CA TYR B 282 0.73 4.10 19.11
C TYR B 282 -0.28 4.80 20.00
N LEU B 283 -0.94 4.05 20.85
CA LEU B 283 -1.94 4.59 21.76
C LEU B 283 -1.74 4.01 23.14
N ASN B 284 -2.00 4.80 24.17
CA ASN B 284 -2.28 4.19 25.46
C ASN B 284 -3.74 4.53 25.75
N PRO B 285 -4.69 3.66 25.35
CA PRO B 285 -6.09 4.09 25.28
C PRO B 285 -6.62 4.66 26.58
N LYS B 286 -6.21 4.13 27.72
CA LYS B 286 -6.77 4.58 28.99
C LYS B 286 -6.03 5.77 29.58
N GLY B 287 -5.02 6.31 28.89
CA GLY B 287 -4.26 7.40 29.46
C GLY B 287 -3.39 7.03 30.64
N ASP B 288 -3.22 5.74 30.90
CA ASP B 288 -2.47 5.24 32.04
C ASP B 288 -1.02 4.93 31.72
N GLY B 289 -0.57 5.13 30.47
CA GLY B 289 0.79 4.81 30.13
C GLY B 289 1.05 3.38 29.73
N LYS B 290 0.01 2.57 29.57
CA LYS B 290 0.15 1.22 29.04
C LYS B 290 -0.13 1.29 27.55
N TRP B 291 0.93 1.19 26.76
CA TRP B 291 0.82 1.50 25.35
C TRP B 291 0.59 0.23 24.52
N CYS B 292 -0.07 0.42 23.38
CA CYS B 292 -0.16 -0.59 22.34
C CYS B 292 0.22 0.00 21.01
N LYS B 293 0.72 -0.87 20.13
CA LYS B 293 1.01 -0.56 18.74
C LYS B 293 -0.13 -1.08 17.87
N PHE B 294 -0.72 -0.19 17.07
CA PHE B 294 -1.81 -0.55 16.13
C PHE B 294 -1.29 -0.47 14.69
N ASP B 295 -1.06 -1.64 14.10
CA ASP B 295 -0.42 -1.78 12.79
C ASP B 295 -1.41 -2.50 11.88
N ASP B 296 -2.37 -1.74 11.34
CA ASP B 296 -3.48 -2.32 10.62
C ASP B 296 -4.09 -3.47 11.42
N ASP B 297 -4.02 -4.70 10.93
CA ASP B 297 -4.73 -5.78 11.60
C ASP B 297 -3.99 -6.33 12.82
N VAL B 298 -2.73 -5.96 13.02
CA VAL B 298 -1.94 -6.49 14.14
C VAL B 298 -1.92 -5.43 15.25
N VAL B 299 -2.51 -5.77 16.40
CA VAL B 299 -2.43 -4.93 17.59
C VAL B 299 -1.61 -5.69 18.62
N SER B 300 -0.64 -5.01 19.23
CA SER B 300 0.20 -5.65 20.21
C SER B 300 0.64 -4.64 21.26
N ARG B 301 0.87 -5.14 22.48
CA ARG B 301 1.42 -4.30 23.54
C ARG B 301 2.87 -3.95 23.22
N CYS B 302 3.25 -2.73 23.57
CA CYS B 302 4.62 -2.29 23.39
C CYS B 302 5.05 -1.52 24.63
N THR B 303 6.36 -1.27 24.70
CA THR B 303 6.98 -0.41 25.71
C THR B 303 6.64 1.04 25.44
N LYS B 304 6.69 1.83 26.51
CA LYS B 304 6.56 3.28 26.39
C LYS B 304 7.70 3.87 25.56
N GLU B 305 8.87 3.25 25.59
CA GLU B 305 10.00 3.75 24.81
C GLU B 305 9.75 3.56 23.32
N GLU B 306 9.12 2.44 22.95
CA GLU B 306 8.77 2.22 21.55
C GLU B 306 7.75 3.21 21.04
N ALA B 307 6.79 3.62 21.88
CA ALA B 307 5.78 4.55 21.42
C ALA B 307 6.30 5.99 21.34
N ILE B 308 7.23 6.38 22.20
CA ILE B 308 7.60 7.78 22.35
C ILE B 308 8.98 8.04 21.76
N GLU B 309 10.03 7.79 22.57
CA GLU B 309 11.41 8.07 22.16
C GLU B 309 11.78 7.41 20.83
N HIS B 310 11.29 6.20 20.57
CA HIS B 310 11.70 5.55 19.34
C HIS B 310 11.08 6.18 18.11
N ASN B 311 10.15 7.12 18.29
CA ASN B 311 9.53 7.85 17.18
C ASN B 311 10.00 9.28 17.11
N TYR B 312 11.10 9.62 17.77
CA TYR B 312 11.68 10.94 17.61
C TYR B 312 12.31 11.10 16.23
N GLY B 313 12.82 10.01 15.65
CA GLY B 313 13.55 10.09 14.41
C GLY B 313 15.01 10.48 14.62
N GLY B 314 15.74 10.57 13.52
CA GLY B 314 17.14 10.94 13.57
C GLY B 314 18.02 10.23 12.55
N HIS B 323 17.31 7.16 11.19
CA HIS B 323 16.54 6.40 10.23
C HIS B 323 15.29 7.17 9.78
N CYS B 324 14.23 6.46 9.37
CA CYS B 324 13.08 7.12 8.74
C CYS B 324 11.75 6.82 9.44
N THR B 325 11.77 6.47 10.74
CA THR B 325 10.55 6.17 11.49
C THR B 325 10.31 7.25 12.53
N ASN B 326 9.21 7.99 12.36
CA ASN B 326 8.96 9.13 13.23
C ASN B 326 7.49 9.51 13.19
N ALA B 327 7.13 10.44 14.07
CA ALA B 327 5.76 10.84 14.24
C ALA B 327 5.42 12.02 13.34
N TYR B 328 4.23 12.00 12.76
CA TYR B 328 3.72 13.16 12.08
C TYR B 328 2.49 13.79 12.77
N MET B 329 1.92 13.15 13.78
CA MET B 329 0.82 13.75 14.50
C MET B 329 0.74 13.17 15.91
N LEU B 330 0.46 14.03 16.86
CA LEU B 330 0.33 13.65 18.25
C LEU B 330 -1.02 14.12 18.77
N VAL B 331 -1.54 13.37 19.74
CA VAL B 331 -2.77 13.69 20.44
C VAL B 331 -2.45 13.75 21.93
N TYR B 332 -2.66 14.91 22.54
CA TYR B 332 -2.52 15.12 23.98
C TYR B 332 -3.91 15.43 24.54
N ILE B 333 -4.19 14.96 25.75
CA ILE B 333 -5.46 15.23 26.41
C ILE B 333 -5.16 16.02 27.67
N ARG B 334 -5.95 17.05 27.94
CA ARG B 334 -5.72 17.86 29.13
C ARG B 334 -5.85 16.99 30.37
N GLU B 335 -4.89 17.10 31.28
CA GLU B 335 -4.91 16.27 32.48
C GLU B 335 -6.24 16.40 33.23
N SER B 336 -6.71 17.62 33.42
CA SER B 336 -7.96 17.83 34.16
C SER B 336 -9.15 17.22 33.46
N LYS B 337 -9.02 16.89 32.18
CA LYS B 337 -10.11 16.37 31.37
C LYS B 337 -9.97 14.89 31.03
N LEU B 338 -8.85 14.28 31.42
CA LEU B 338 -8.54 12.90 31.02
C LEU B 338 -9.70 11.96 31.35
N SER B 339 -10.23 12.07 32.57
CA SER B 339 -11.22 11.14 33.07
C SER B 339 -12.52 11.21 32.28
N GLU B 340 -12.93 12.41 31.88
CA GLU B 340 -14.13 12.54 31.08
C GLU B 340 -13.88 12.14 29.63
N VAL B 341 -12.83 12.68 29.02
CA VAL B 341 -12.56 12.31 27.62
C VAL B 341 -12.46 10.80 27.47
N LEU B 342 -11.75 10.13 28.38
CA LEU B 342 -11.56 8.69 28.31
C LEU B 342 -12.57 7.92 29.18
N GLN B 343 -13.73 8.51 29.48
CA GLN B 343 -14.78 7.83 30.24
C GLN B 343 -15.11 6.47 29.62
N ALA B 344 -15.40 5.48 30.46
CA ALA B 344 -15.63 4.13 29.94
C ALA B 344 -16.85 4.08 29.03
N VAL B 345 -16.79 3.18 28.07
CA VAL B 345 -17.90 2.90 27.15
C VAL B 345 -18.29 1.44 27.33
N THR B 346 -19.58 1.18 27.44
CA THR B 346 -20.04 -0.19 27.52
C THR B 346 -21.00 -0.47 26.36
N ASP B 347 -21.46 -1.72 26.28
CA ASP B 347 -22.35 -2.10 25.20
C ASP B 347 -23.68 -1.36 25.31
N HIS B 348 -24.10 -1.04 26.54
CA HIS B 348 -25.32 -0.29 26.77
C HIS B 348 -25.22 1.16 26.29
N ASP B 349 -24.01 1.68 26.09
CA ASP B 349 -23.90 3.04 25.57
C ASP B 349 -24.28 3.13 24.09
N ILE B 350 -24.46 2.03 23.39
CA ILE B 350 -24.83 2.05 21.98
C ILE B 350 -26.33 1.93 21.89
N PRO B 351 -27.03 2.90 21.30
CA PRO B 351 -28.49 2.88 21.31
C PRO B 351 -29.03 1.64 20.61
N GLN B 352 -30.16 1.15 21.10
CA GLN B 352 -30.82 -0.01 20.51
C GLN B 352 -31.06 0.20 19.02
N GLN B 353 -31.58 1.38 18.63
CA GLN B 353 -31.88 1.70 17.24
C GLN B 353 -30.68 1.56 16.32
N LEU B 354 -29.48 1.39 16.87
CA LEU B 354 -28.29 1.24 16.07
C LEU B 354 -27.79 -0.19 16.03
N VAL B 355 -27.87 -0.90 17.15
CA VAL B 355 -27.29 -2.24 17.24
C VAL B 355 -27.91 -3.18 16.22
N GLU B 356 -29.24 -3.27 16.20
CA GLU B 356 -29.84 -4.29 15.35
C GLU B 356 -29.67 -3.97 13.87
N ARG B 357 -29.60 -2.68 13.51
CA ARG B 357 -29.36 -2.35 12.11
C ARG B 357 -27.99 -2.83 11.66
N LEU B 358 -26.97 -2.65 12.51
CA LEU B 358 -25.64 -3.11 12.16
C LEU B 358 -25.58 -4.64 12.16
N GLN B 359 -26.20 -5.28 13.15
CA GLN B 359 -26.34 -6.73 13.13
C GLN B 359 -27.07 -7.19 11.88
N GLU B 360 -28.11 -6.46 11.46
CA GLU B 360 -28.78 -6.82 10.21
C GLU B 360 -27.82 -6.74 9.03
N GLU B 361 -26.97 -5.71 9.01
CA GLU B 361 -25.98 -5.61 7.94
C GLU B 361 -25.07 -6.84 7.94
N LYS B 362 -24.73 -7.33 9.12
CA LYS B 362 -23.84 -8.49 9.23
C LYS B 362 -24.53 -9.77 8.80
N ARG B 363 -25.83 -9.92 9.08
CA ARG B 363 -26.54 -11.10 8.61
C ARG B 363 -26.69 -11.08 7.09
N ILE B 364 -26.99 -9.90 6.53
CA ILE B 364 -27.09 -9.78 5.07
C ILE B 364 -25.75 -10.10 4.42
N GLU B 365 -24.64 -9.70 5.07
CA GLU B 365 -23.33 -9.98 4.51
C GLU B 365 -22.99 -11.47 4.59
N ALA B 366 -23.43 -12.15 5.65
CA ALA B 366 -23.24 -13.58 5.75
C ALA B 366 -24.10 -14.37 4.78
N GLN B 367 -25.11 -13.75 4.18
CA GLN B 367 -25.95 -14.41 3.18
C GLN B 367 -25.47 -14.20 1.75
N LYS B 368 -24.50 -13.31 1.53
CA LYS B 368 -24.03 -13.03 0.18
C LYS B 368 -23.30 -14.25 -0.39
N ARG B 369 -23.02 -14.18 -1.69
CA ARG B 369 -22.44 -15.29 -2.45
C ARG B 369 -23.38 -16.49 -2.46
#